data_7JTO
#
_entry.id   7JTO
#
_cell.length_a   47.380
_cell.length_b   187.830
_cell.length_c   49.150
_cell.angle_alpha   90.000
_cell.angle_beta   116.960
_cell.angle_gamma   90.000
#
_symmetry.space_group_name_H-M   'P 1 21 1'
#
loop_
_entity.id
_entity.type
_entity.pdbx_description
1 polymer 'WD repeat-containing protein 5'
2 polymer Elongin-B
3 polymer Elongin-C
4 polymer 'von Hippel-Lindau disease tumor suppressor'
5 non-polymer 'THIOCYANATE ION'
6 non-polymer 1,2-ETHANEDIOL
7 non-polymer "3-methyl-N-(11-{[2-(4-{[4'-(4-methylpiperazin-1-yl)-3'-{[6-oxo-4-(trifluoromethyl)-5,6-dihydropyridine-3-carbonyl]amino}[1,1'-biphenyl]-3-yl]methyl}piperazin-1-yl)ethyl]amino}-11-oxoundecanoyl)-L-valyl-(4R)-4-hydroxy-N-{[4-(4-methyl-1,3-thiazol-5-yl)phenyl]methyl}-L-prolinamide"
8 non-polymer GLYCEROL
9 non-polymer 'SODIUM ION'
10 water water
#
loop_
_entity_poly.entity_id
_entity_poly.type
_entity_poly.pdbx_seq_one_letter_code
_entity_poly.pdbx_strand_id
1 'polypeptide(L)'
;EFHMVKPNYALKFTLAGHTKAVSSVKFSPNGEWLASSSADKLIKIWGAYDGKFEKTISGHKLGISDVAWSSDSNLLVSAS
DDKTLKIWDVSSGKCLKTLKGHSNYVFCCNFNPQSNLIVSGSFDESVRIWDVKTGKCLKTLPAHSDPVSAVHFNRDGSLI
VSSSYDGLCRIWDTASGQCLKTLIDDDNPPVSFVKFSPNGKYILAATLDNTLKLWDYSKGKCLKTYTGHKNEKYCIFANF
SVTGGKWIVSGSEDNLVYIWNLQTKEIVQKLQGHTDVVISTACHPTENIIASAALENDKTIKLWKSDC
;
B
2 'polypeptide(L)'
;MDVFLMIRRHKTTIFTDAKESSTVFELKRIVEGILKRPPDEQRLYKDDQLLDDGKTLGECGFTSQTARPQAPATVGLAFR
ADDTFEALCIEPFSSPPELPDVMK
;
J
3 'polypeptide(L)'
;MMYVKLISSDGHEFIVKREHALTSGTIKAMLSGPGQFAENETNEVNFREIPSHVLSKVCMYFTYKVRYTNSSTEIPEFPI
APEIALELLMAANFLDC
;
K
4 'polypeptide(L)'
;GSMEAGRPRPVLRSVNSREPSQVIFCNRSPRVVLPVWLNFDGEPQPYPTLPPGTGRRIHSYRGHLWLFRDAGTHDGLLVN
QTELFVPSLNVDGQPIFANITLPVYTLKERCLQVVRSLVKPENYRRLDIVRSLYEDLEDHPNVQKDLERLTQERIAHQRM
GD
;
L
#
loop_
_chem_comp.id
_chem_comp.type
_chem_comp.name
_chem_comp.formula
EDO non-polymer 1,2-ETHANEDIOL 'C2 H6 O2'
GOL non-polymer GLYCEROL 'C3 H8 O3'
NA non-polymer 'SODIUM ION' 'Na 1'
SCN non-polymer 'THIOCYANATE ION' 'C N S -1'
VKA non-polymer 3-methyl-N-(11-{[2-(4-{[4'-(4-methylpiperazin-1-yl)-3'-{[6-oxo-4-(trifluoromethyl)-5,6-dihydropyridine-3-carbonyl]amino}[1,1'-biphenyl]-3-yl]methyl}piperazin-1-yl)ethyl]amino}-11-oxoundecanoyl)-L-valyl-(4R)-4-hydroxy-N-{[4-(4-methyl-1,3-thiazol-5-yl)phenyl]methyl}-L-prolinamide 'C64 H84 F3 N11 O7 S'
#
# COMPACT_ATOMS: atom_id res chain seq x y z
N LYS A 6 38.18 -29.42 5.66
CA LYS A 6 37.41 -28.68 4.66
C LYS A 6 37.11 -29.54 3.44
N PRO A 7 35.88 -29.46 2.93
CA PRO A 7 35.45 -30.23 1.76
C PRO A 7 35.92 -29.52 0.48
N ASN A 8 35.84 -30.24 -0.63
CA ASN A 8 36.26 -29.69 -1.92
C ASN A 8 35.19 -29.94 -2.97
N TYR A 9 33.95 -29.55 -2.64
CA TYR A 9 32.87 -29.66 -3.60
C TYR A 9 33.21 -28.95 -4.89
N ALA A 10 33.03 -29.64 -6.00
CA ALA A 10 33.16 -29.04 -7.32
C ALA A 10 31.92 -29.37 -8.13
N LEU A 11 31.58 -28.48 -9.05
CA LEU A 11 30.45 -28.71 -9.93
C LEU A 11 30.71 -29.90 -10.84
N LYS A 12 29.70 -30.74 -11.00
CA LYS A 12 29.73 -31.88 -11.89
C LYS A 12 28.66 -31.82 -12.96
N PHE A 13 27.43 -31.45 -12.61
CA PHE A 13 26.34 -31.40 -13.58
C PHE A 13 25.43 -30.21 -13.31
N THR A 14 24.88 -29.69 -14.40
CA THR A 14 23.80 -28.71 -14.37
C THR A 14 22.61 -29.34 -15.08
N LEU A 15 21.44 -29.30 -14.42
CA LEU A 15 20.22 -29.90 -14.94
C LEU A 15 19.29 -28.77 -15.33
N ALA A 16 19.10 -28.56 -16.64
CA ALA A 16 18.33 -27.42 -17.12
C ALA A 16 17.01 -27.85 -17.73
N GLY A 17 16.19 -28.59 -16.98
CA GLY A 17 14.93 -29.07 -17.51
C GLY A 17 13.73 -28.17 -17.24
N HIS A 18 13.82 -27.31 -16.23
CA HIS A 18 12.67 -26.51 -15.84
C HIS A 18 12.65 -25.18 -16.57
N THR A 19 11.45 -24.66 -16.79
CA THR A 19 11.28 -23.42 -17.52
C THR A 19 10.91 -22.24 -16.63
N LYS A 20 10.85 -22.46 -15.31
CA LYS A 20 10.68 -21.38 -14.36
C LYS A 20 11.54 -21.69 -13.15
N ALA A 21 11.45 -20.82 -12.13
CA ALA A 21 12.21 -21.00 -10.90
C ALA A 21 12.06 -22.42 -10.38
N VAL A 22 13.16 -23.00 -9.92
CA VAL A 22 13.16 -24.30 -9.28
C VAL A 22 13.03 -24.07 -7.78
N SER A 23 12.02 -24.67 -7.16
CA SER A 23 11.72 -24.37 -5.77
C SER A 23 12.34 -25.36 -4.79
N SER A 24 12.54 -26.61 -5.17
CA SER A 24 12.99 -27.59 -4.18
C SER A 24 13.67 -28.75 -4.88
N VAL A 25 14.79 -29.20 -4.32
CA VAL A 25 15.42 -30.45 -4.74
C VAL A 25 15.55 -31.36 -3.52
N LYS A 26 15.25 -32.64 -3.71
CA LYS A 26 15.33 -33.63 -2.65
C LYS A 26 15.88 -34.94 -3.21
N PHE A 27 16.92 -35.47 -2.58
CA PHE A 27 17.40 -36.81 -2.90
C PHE A 27 16.46 -37.86 -2.31
N SER A 28 16.21 -38.92 -3.09
CA SER A 28 15.46 -40.04 -2.55
C SER A 28 16.27 -40.72 -1.43
N PRO A 29 15.59 -41.27 -0.43
CA PRO A 29 16.33 -41.95 0.65
C PRO A 29 17.18 -43.11 0.17
N ASN A 30 16.82 -43.78 -0.93
CA ASN A 30 17.67 -44.86 -1.41
C ASN A 30 18.87 -44.35 -2.20
N GLY A 31 19.04 -43.04 -2.32
CA GLY A 31 20.21 -42.46 -2.96
C GLY A 31 20.23 -42.50 -4.46
N GLU A 32 19.19 -43.07 -5.09
CA GLU A 32 19.20 -43.25 -6.53
C GLU A 32 18.74 -42.01 -7.31
N TRP A 33 17.88 -41.18 -6.72
CA TRP A 33 17.16 -40.18 -7.50
C TRP A 33 17.22 -38.81 -6.82
N LEU A 34 17.08 -37.77 -7.65
CA LEU A 34 16.83 -36.42 -7.21
C LEU A 34 15.49 -35.96 -7.76
N ALA A 35 14.60 -35.51 -6.90
CA ALA A 35 13.33 -34.91 -7.33
C ALA A 35 13.44 -33.41 -7.26
N SER A 36 12.98 -32.73 -8.31
CA SER A 36 12.95 -31.28 -8.34
C SER A 36 11.52 -30.81 -8.59
N SER A 37 11.12 -29.75 -7.91
CA SER A 37 9.83 -29.12 -8.14
C SER A 37 10.07 -27.70 -8.63
N SER A 38 9.09 -27.15 -9.35
CA SER A 38 9.32 -25.83 -9.95
C SER A 38 8.03 -25.03 -10.06
N ALA A 39 8.20 -23.71 -10.20
CA ALA A 39 7.09 -22.81 -10.51
C ALA A 39 6.47 -23.13 -11.86
N ASP A 40 7.11 -23.99 -12.67
CA ASP A 40 6.52 -24.42 -13.93
C ASP A 40 5.49 -25.55 -13.76
N LYS A 41 5.02 -25.79 -12.53
CA LYS A 41 3.99 -26.77 -12.18
C LYS A 41 4.43 -28.21 -12.32
N LEU A 42 5.74 -28.45 -12.51
CA LEU A 42 6.24 -29.78 -12.81
C LEU A 42 7.17 -30.26 -11.70
N ILE A 43 7.15 -31.60 -11.50
CA ILE A 43 8.17 -32.34 -10.78
C ILE A 43 9.01 -33.06 -11.83
N LYS A 44 10.32 -33.09 -11.65
CA LYS A 44 11.15 -33.91 -12.50
C LYS A 44 12.01 -34.83 -11.66
N ILE A 45 12.26 -36.02 -12.17
CA ILE A 45 13.09 -37.01 -11.52
C ILE A 45 14.34 -37.15 -12.35
N TRP A 46 15.50 -37.08 -11.68
CA TRP A 46 16.83 -37.14 -12.27
C TRP A 46 17.66 -38.20 -11.56
N GLY A 47 18.63 -38.76 -12.27
CA GLY A 47 19.57 -39.64 -11.62
C GLY A 47 20.38 -38.86 -10.62
N ALA A 48 20.49 -39.38 -9.40
CA ALA A 48 21.20 -38.66 -8.34
C ALA A 48 22.69 -38.52 -8.63
N TYR A 49 23.27 -39.49 -9.33
CA TYR A 49 24.70 -39.52 -9.53
C TYR A 49 25.15 -38.86 -10.83
N ASP A 50 24.36 -38.95 -11.89
CA ASP A 50 24.78 -38.42 -13.19
C ASP A 50 23.86 -37.35 -13.72
N GLY A 51 22.86 -36.93 -12.96
CA GLY A 51 21.96 -35.89 -13.41
C GLY A 51 21.16 -36.24 -14.63
N LYS A 52 21.02 -37.52 -14.94
CA LYS A 52 20.29 -37.94 -16.12
C LYS A 52 18.80 -37.83 -15.89
N PHE A 53 18.13 -37.11 -16.78
CA PHE A 53 16.68 -36.97 -16.70
C PHE A 53 16.01 -38.33 -16.72
N GLU A 54 15.10 -38.55 -15.78
CA GLU A 54 14.34 -39.79 -15.71
C GLU A 54 12.89 -39.57 -16.13
N LYS A 55 12.18 -38.64 -15.50
CA LYS A 55 10.78 -38.47 -15.92
C LYS A 55 10.23 -37.14 -15.45
N THR A 56 9.10 -36.75 -16.05
CA THR A 56 8.34 -35.59 -15.65
C THR A 56 7.04 -36.05 -15.01
N ILE A 57 6.67 -35.41 -13.90
CA ILE A 57 5.46 -35.74 -13.15
C ILE A 57 4.61 -34.48 -13.09
N SER A 58 3.41 -34.53 -13.68
CA SER A 58 2.57 -33.35 -13.83
C SER A 58 1.18 -33.63 -13.27
N GLY A 59 0.50 -32.56 -12.90
CA GLY A 59 -0.85 -32.66 -12.35
C GLY A 59 -1.29 -31.41 -11.62
N HIS A 60 -0.36 -30.73 -10.96
CA HIS A 60 -0.69 -29.49 -10.26
C HIS A 60 -1.07 -28.39 -11.24
N LYS A 61 -2.01 -27.55 -10.84
CA LYS A 61 -2.54 -26.50 -11.70
C LYS A 61 -1.79 -25.19 -11.56
N LEU A 62 -1.03 -25.01 -10.48
CA LEU A 62 -0.20 -23.85 -10.27
C LEU A 62 1.19 -24.32 -9.87
N GLY A 63 2.10 -23.37 -9.65
CA GLY A 63 3.48 -23.71 -9.33
C GLY A 63 3.61 -24.57 -8.08
N ILE A 64 4.71 -25.31 -8.01
CA ILE A 64 4.99 -26.20 -6.90
C ILE A 64 6.10 -25.59 -6.06
N SER A 65 5.89 -25.57 -4.74
CA SER A 65 6.78 -25.00 -3.75
C SER A 65 7.72 -26.04 -3.11
N ASP A 66 7.35 -27.31 -3.06
CA ASP A 66 8.13 -28.29 -2.30
C ASP A 66 7.77 -29.71 -2.71
N VAL A 67 8.72 -30.62 -2.52
CA VAL A 67 8.51 -32.06 -2.70
C VAL A 67 9.21 -32.80 -1.58
N ALA A 68 8.75 -34.02 -1.30
CA ALA A 68 9.39 -34.84 -0.27
C ALA A 68 9.15 -36.31 -0.57
N TRP A 69 10.13 -37.15 -0.20
CA TRP A 69 10.10 -38.57 -0.50
C TRP A 69 9.57 -39.37 0.67
N SER A 70 8.84 -40.44 0.38
CA SER A 70 8.59 -41.42 1.42
C SER A 70 9.85 -42.21 1.74
N SER A 71 9.84 -42.85 2.91
CA SER A 71 11.04 -43.53 3.42
C SER A 71 11.51 -44.64 2.51
N ASP A 72 10.59 -45.26 1.76
CA ASP A 72 10.95 -46.35 0.87
C ASP A 72 11.23 -45.88 -0.56
N SER A 73 11.24 -44.57 -0.79
CA SER A 73 11.52 -43.93 -2.08
C SER A 73 10.45 -44.22 -3.13
N ASN A 74 9.31 -44.78 -2.74
CA ASN A 74 8.26 -45.11 -3.71
C ASN A 74 7.26 -43.98 -3.92
N LEU A 75 7.08 -43.12 -2.93
CA LEU A 75 6.11 -42.03 -3.02
C LEU A 75 6.79 -40.67 -2.95
N LEU A 76 6.21 -39.72 -3.67
CA LEU A 76 6.50 -38.30 -3.50
C LEU A 76 5.26 -37.60 -2.98
N VAL A 77 5.45 -36.53 -2.21
CA VAL A 77 4.39 -35.59 -1.93
C VAL A 77 4.85 -34.22 -2.40
N SER A 78 3.96 -33.48 -3.02
CA SER A 78 4.23 -32.14 -3.52
C SER A 78 3.29 -31.15 -2.84
N ALA A 79 3.79 -29.93 -2.64
CA ALA A 79 3.04 -28.81 -2.05
C ALA A 79 2.93 -27.71 -3.09
N SER A 80 1.72 -27.18 -3.30
CA SER A 80 1.47 -26.31 -4.45
C SER A 80 0.75 -25.00 -4.09
N ASP A 81 0.99 -24.00 -4.94
CA ASP A 81 0.20 -22.77 -4.95
C ASP A 81 -1.27 -23.04 -5.18
N ASP A 82 -1.62 -24.18 -5.79
CA ASP A 82 -3.03 -24.48 -6.03
C ASP A 82 -3.78 -24.92 -4.74
N LYS A 83 -3.16 -24.81 -3.57
CA LYS A 83 -3.72 -25.03 -2.22
C LYS A 83 -3.78 -26.52 -1.87
N THR A 84 -3.27 -27.39 -2.71
CA THR A 84 -3.34 -28.82 -2.48
C THR A 84 -1.95 -29.38 -2.27
N LEU A 85 -1.90 -30.53 -1.64
CA LEU A 85 -0.73 -31.39 -1.80
C LEU A 85 -1.14 -32.56 -2.68
N LYS A 86 -0.16 -33.20 -3.31
CA LYS A 86 -0.44 -34.40 -4.08
C LYS A 86 0.53 -35.49 -3.70
N ILE A 87 -0.01 -36.70 -3.49
CA ILE A 87 0.78 -37.91 -3.27
C ILE A 87 0.89 -38.63 -4.60
N TRP A 88 2.14 -38.89 -5.03
CA TRP A 88 2.48 -39.48 -6.31
C TRP A 88 3.17 -40.82 -6.10
N ASP A 89 2.87 -41.76 -6.98
CA ASP A 89 3.67 -42.96 -7.12
C ASP A 89 4.80 -42.67 -8.11
N VAL A 90 6.04 -42.74 -7.62
CA VAL A 90 7.16 -42.27 -8.43
C VAL A 90 7.38 -43.17 -9.64
N SER A 91 7.21 -44.49 -9.47
CA SER A 91 7.45 -45.41 -10.59
C SER A 91 6.47 -45.15 -11.73
N SER A 92 5.19 -44.94 -11.40
CA SER A 92 4.19 -44.71 -12.43
C SER A 92 4.01 -43.24 -12.79
N GLY A 93 4.40 -42.32 -11.91
CA GLY A 93 4.04 -40.94 -12.11
C GLY A 93 2.58 -40.63 -11.84
N LYS A 94 1.86 -41.56 -11.22
CA LYS A 94 0.44 -41.41 -10.93
C LYS A 94 0.22 -40.52 -9.73
N CYS A 95 -0.75 -39.61 -9.82
CA CYS A 95 -1.22 -38.90 -8.63
C CYS A 95 -2.12 -39.85 -7.85
N LEU A 96 -1.63 -40.35 -6.71
CA LEU A 96 -2.41 -41.25 -5.88
C LEU A 96 -3.47 -40.51 -5.08
N LYS A 97 -3.10 -39.38 -4.49
CA LYS A 97 -4.06 -38.65 -3.68
C LYS A 97 -3.87 -37.15 -3.87
N THR A 98 -4.96 -36.41 -3.72
CA THR A 98 -4.90 -34.96 -3.65
C THR A 98 -5.41 -34.54 -2.27
N LEU A 99 -4.51 -34.00 -1.46
CA LEU A 99 -4.82 -33.59 -0.09
C LEU A 99 -5.36 -32.16 -0.13
N LYS A 100 -6.65 -32.02 0.14
CA LYS A 100 -7.35 -30.74 0.13
C LYS A 100 -7.76 -30.35 1.54
N GLY A 101 -7.62 -29.07 1.85
CA GLY A 101 -7.97 -28.59 3.17
C GLY A 101 -7.32 -27.27 3.48
N HIS A 102 -6.11 -27.06 2.98
CA HIS A 102 -5.50 -25.75 3.12
C HIS A 102 -6.33 -24.72 2.37
N SER A 103 -6.33 -23.50 2.88
CA SER A 103 -7.10 -22.43 2.25
C SER A 103 -6.19 -21.41 1.57
N ASN A 104 -4.92 -21.72 1.39
CA ASN A 104 -4.04 -20.87 0.61
C ASN A 104 -2.84 -21.71 0.18
N TYR A 105 -1.84 -21.05 -0.41
CA TYR A 105 -0.65 -21.72 -0.94
C TYR A 105 -0.08 -22.70 0.06
N VAL A 106 0.30 -23.89 -0.41
CA VAL A 106 1.00 -24.85 0.44
C VAL A 106 2.48 -24.73 0.10
N PHE A 107 3.29 -24.39 1.09
CA PHE A 107 4.70 -24.09 0.87
C PHE A 107 5.63 -25.26 1.14
N CYS A 108 5.28 -26.17 2.04
CA CYS A 108 6.26 -27.15 2.53
C CYS A 108 5.56 -28.46 2.90
N CYS A 109 6.32 -29.55 2.79
CA CYS A 109 5.74 -30.86 3.09
C CYS A 109 6.85 -31.84 3.46
N ASN A 110 6.47 -32.86 4.23
CA ASN A 110 7.40 -33.91 4.61
C ASN A 110 6.60 -35.14 5.05
N PHE A 111 7.13 -36.32 4.72
CA PHE A 111 6.65 -37.56 5.29
C PHE A 111 7.24 -37.75 6.67
N ASN A 112 6.56 -38.52 7.52
CA ASN A 112 7.22 -39.00 8.72
C ASN A 112 8.01 -40.24 8.39
N PRO A 113 8.91 -40.67 9.27
CA PRO A 113 9.76 -41.83 8.93
C PRO A 113 8.97 -43.08 8.60
N GLN A 114 7.92 -43.37 9.36
CA GLN A 114 7.04 -44.49 8.99
C GLN A 114 6.40 -44.28 7.63
N SER A 115 6.24 -43.01 7.21
CA SER A 115 5.64 -42.61 5.95
C SER A 115 4.15 -42.92 5.89
N ASN A 116 3.51 -43.07 7.05
CA ASN A 116 2.05 -43.15 7.08
C ASN A 116 1.41 -41.79 7.27
N LEU A 117 2.19 -40.78 7.64
CA LEU A 117 1.71 -39.42 7.82
C LEU A 117 2.46 -38.45 6.91
N ILE A 118 1.77 -37.38 6.55
CA ILE A 118 2.39 -36.24 5.87
C ILE A 118 2.12 -35.00 6.70
N VAL A 119 3.13 -34.15 6.86
CA VAL A 119 2.95 -32.84 7.47
C VAL A 119 3.12 -31.77 6.39
N SER A 120 2.29 -30.73 6.48
CA SER A 120 2.35 -29.64 5.51
C SER A 120 2.24 -28.31 6.23
N GLY A 121 2.70 -27.26 5.55
CA GLY A 121 2.67 -25.92 6.08
C GLY A 121 2.29 -24.95 4.98
N SER A 122 1.50 -23.94 5.32
CA SER A 122 0.83 -23.12 4.31
C SER A 122 0.89 -21.64 4.67
N PHE A 123 0.77 -20.82 3.62
CA PHE A 123 0.50 -19.40 3.77
C PHE A 123 -0.74 -19.15 4.64
N ASP A 124 -1.69 -20.10 4.65
CA ASP A 124 -2.89 -19.95 5.49
C ASP A 124 -2.59 -20.09 7.02
N GLU A 125 -1.31 -20.22 7.36
CA GLU A 125 -0.75 -20.12 8.72
C GLU A 125 -1.04 -21.37 9.54
N SER A 126 -1.46 -22.46 8.90
CA SER A 126 -1.69 -23.72 9.59
C SER A 126 -0.61 -24.74 9.21
N VAL A 127 -0.38 -25.67 10.12
CA VAL A 127 0.33 -26.91 9.88
C VAL A 127 -0.72 -28.01 9.85
N ARG A 128 -0.69 -28.85 8.83
CA ARG A 128 -1.67 -29.92 8.75
C ARG A 128 -0.97 -31.29 8.78
N ILE A 129 -1.63 -32.25 9.42
CA ILE A 129 -1.19 -33.65 9.47
C ILE A 129 -2.23 -34.49 8.73
N TRP A 130 -1.75 -35.26 7.75
CA TRP A 130 -2.56 -36.00 6.80
C TRP A 130 -2.26 -37.49 6.89
N ASP A 131 -3.31 -38.29 6.69
CA ASP A 131 -3.18 -39.74 6.58
C ASP A 131 -2.79 -40.10 5.14
N VAL A 132 -1.65 -40.79 5.00
CA VAL A 132 -1.18 -41.16 3.67
C VAL A 132 -2.15 -42.12 2.99
N LYS A 133 -2.69 -43.08 3.76
CA LYS A 133 -3.53 -44.13 3.17
C LYS A 133 -4.80 -43.54 2.56
N THR A 134 -5.50 -42.70 3.32
CA THR A 134 -6.80 -42.20 2.88
C THR A 134 -6.74 -40.82 2.25
N GLY A 135 -5.67 -40.06 2.49
CA GLY A 135 -5.63 -38.67 2.05
C GLY A 135 -6.41 -37.72 2.92
N LYS A 136 -7.00 -38.19 4.01
CA LYS A 136 -7.80 -37.32 4.85
C LYS A 136 -6.90 -36.50 5.77
N CYS A 137 -7.35 -35.29 6.07
CA CYS A 137 -6.63 -34.45 7.02
C CYS A 137 -6.98 -34.93 8.44
N LEU A 138 -5.95 -35.26 9.20
CA LEU A 138 -6.17 -35.79 10.54
C LEU A 138 -6.18 -34.69 11.60
N LYS A 139 -5.31 -33.69 11.43
CA LYS A 139 -5.26 -32.61 12.41
C LYS A 139 -4.84 -31.32 11.73
N THR A 140 -5.39 -30.21 12.21
CA THR A 140 -4.99 -28.87 11.79
C THR A 140 -4.48 -28.11 13.01
N LEU A 141 -3.25 -27.59 12.92
CA LEU A 141 -2.58 -26.89 14.02
C LEU A 141 -2.40 -25.45 13.60
N PRO A 142 -3.21 -24.51 14.10
CA PRO A 142 -3.18 -23.15 13.55
C PRO A 142 -2.49 -22.12 14.43
N ALA A 143 -1.67 -22.54 15.40
CA ALA A 143 -1.14 -21.59 16.38
C ALA A 143 -0.25 -20.52 15.73
N HIS A 144 0.46 -20.84 14.65
CA HIS A 144 1.26 -19.81 14.00
C HIS A 144 0.38 -18.66 13.51
N SER A 145 0.95 -17.45 13.53
CA SER A 145 0.19 -16.23 13.26
C SER A 145 0.66 -15.55 11.98
N ASP A 146 1.31 -16.31 11.09
CA ASP A 146 1.89 -15.84 9.85
C ASP A 146 2.24 -17.10 9.02
N PRO A 147 2.57 -16.96 7.73
CA PRO A 147 2.80 -18.14 6.90
C PRO A 147 3.81 -19.12 7.50
N VAL A 148 3.57 -20.41 7.28
CA VAL A 148 4.46 -21.47 7.73
C VAL A 148 5.46 -21.77 6.60
N SER A 149 6.75 -21.68 6.89
CA SER A 149 7.81 -21.78 5.90
C SER A 149 8.44 -23.17 5.79
N ALA A 150 8.43 -23.95 6.87
CA ALA A 150 9.03 -25.29 6.85
C ALA A 150 8.34 -26.15 7.90
N VAL A 151 8.23 -27.45 7.60
CA VAL A 151 7.73 -28.46 8.51
C VAL A 151 8.61 -29.71 8.38
N HIS A 152 8.88 -30.36 9.50
CA HIS A 152 9.77 -31.51 9.53
C HIS A 152 9.42 -32.39 10.73
N PHE A 153 9.36 -33.70 10.51
CA PHE A 153 9.25 -34.69 11.58
C PHE A 153 10.63 -35.02 12.15
N ASN A 154 10.66 -35.43 13.41
CA ASN A 154 11.88 -35.90 14.04
C ASN A 154 12.12 -37.37 13.72
N ARG A 155 13.14 -37.96 14.35
CA ARG A 155 13.66 -39.26 13.92
C ARG A 155 12.64 -40.37 14.07
N ASP A 156 11.77 -40.31 15.07
CA ASP A 156 10.77 -41.35 15.25
C ASP A 156 9.36 -40.86 14.94
N GLY A 157 9.22 -39.64 14.43
CA GLY A 157 7.92 -39.11 14.06
C GLY A 157 7.08 -38.62 15.21
N SER A 158 7.60 -38.58 16.43
CA SER A 158 6.83 -38.15 17.58
C SER A 158 6.77 -36.64 17.74
N LEU A 159 7.65 -35.92 17.06
CA LEU A 159 7.64 -34.46 17.07
C LEU A 159 7.54 -33.94 15.64
N ILE A 160 6.93 -32.77 15.52
CA ILE A 160 6.98 -31.95 14.33
C ILE A 160 7.61 -30.63 14.72
N VAL A 161 8.51 -30.12 13.90
CA VAL A 161 8.98 -28.76 14.06
C VAL A 161 8.49 -27.96 12.86
N SER A 162 7.97 -26.77 13.13
CA SER A 162 7.51 -25.85 12.10
C SER A 162 8.15 -24.48 12.32
N SER A 163 8.39 -23.78 11.21
CA SER A 163 8.91 -22.42 11.28
C SER A 163 7.89 -21.49 10.61
N SER A 164 7.86 -20.23 11.06
CA SER A 164 6.85 -19.32 10.53
C SER A 164 7.37 -17.90 10.48
N TYR A 165 6.76 -17.11 9.59
CA TYR A 165 7.05 -15.70 9.49
C TYR A 165 6.69 -14.93 10.77
N ASP A 166 5.93 -15.54 11.68
CA ASP A 166 5.66 -14.87 12.95
C ASP A 166 6.90 -14.82 13.84
N GLY A 167 8.00 -15.46 13.45
CA GLY A 167 9.22 -15.42 14.23
C GLY A 167 9.43 -16.60 15.15
N LEU A 168 8.49 -17.53 15.18
CA LEU A 168 8.54 -18.68 16.07
C LEU A 168 9.00 -19.92 15.32
N CYS A 169 9.76 -20.77 16.02
CA CYS A 169 9.73 -22.20 15.74
C CYS A 169 8.82 -22.85 16.75
N ARG A 170 7.95 -23.74 16.29
CA ARG A 170 7.04 -24.47 17.17
C ARG A 170 7.30 -25.98 17.06
N ILE A 171 7.46 -26.63 18.21
CA ILE A 171 7.60 -28.07 18.29
C ILE A 171 6.29 -28.62 18.80
N TRP A 172 5.71 -29.53 18.01
CA TRP A 172 4.41 -30.11 18.23
C TRP A 172 4.55 -31.58 18.57
N ASP A 173 3.68 -32.01 19.49
CA ASP A 173 3.46 -33.43 19.72
C ASP A 173 2.62 -33.98 18.58
N THR A 174 3.16 -34.96 17.85
CA THR A 174 2.46 -35.50 16.69
C THR A 174 1.14 -36.14 17.09
N ALA A 175 1.14 -36.89 18.19
CA ALA A 175 -0.04 -37.66 18.58
C ALA A 175 -1.20 -36.73 18.94
N SER A 176 -0.95 -35.71 19.76
CA SER A 176 -2.03 -34.89 20.27
C SER A 176 -2.28 -33.62 19.46
N GLY A 177 -1.30 -33.18 18.66
CA GLY A 177 -1.39 -31.90 17.99
C GLY A 177 -0.97 -30.72 18.85
N GLN A 178 -0.74 -30.92 20.14
CA GLN A 178 -0.48 -29.80 21.03
C GLN A 178 0.95 -29.31 20.88
N CYS A 179 1.11 -27.99 20.91
CA CYS A 179 2.45 -27.40 20.76
C CYS A 179 3.21 -27.55 22.06
N LEU A 180 4.29 -28.35 22.01
CA LEU A 180 5.07 -28.67 23.20
C LEU A 180 6.07 -27.58 23.54
N LYS A 181 6.52 -26.81 22.55
CA LYS A 181 7.54 -25.82 22.86
C LYS A 181 7.61 -24.79 21.73
N THR A 182 8.07 -23.59 22.09
CA THR A 182 8.40 -22.58 21.11
C THR A 182 9.87 -22.19 21.27
N LEU A 183 10.49 -21.76 20.19
CA LEU A 183 11.90 -21.37 20.21
C LEU A 183 12.11 -20.02 19.53
N ILE A 184 12.68 -19.07 20.28
CA ILE A 184 12.94 -17.74 19.75
C ILE A 184 14.01 -17.03 20.56
N ASP A 185 14.81 -16.20 19.89
N ASP A 185 14.90 -16.35 19.85
CA ASP A 185 15.88 -15.46 20.56
CA ASP A 185 16.00 -15.54 20.38
C ASP A 185 15.39 -14.10 21.03
C ASP A 185 15.46 -14.14 20.82
N ASP A 186 16.31 -13.14 21.09
CA ASP A 186 15.99 -11.78 21.53
C ASP A 186 15.13 -11.06 20.50
N ASP A 187 15.35 -11.36 19.22
CA ASP A 187 14.61 -10.73 18.14
C ASP A 187 13.67 -11.71 17.45
N ASN A 188 12.65 -11.19 16.79
CA ASN A 188 11.70 -12.00 16.10
C ASN A 188 11.64 -11.93 14.59
N PRO A 189 12.77 -12.03 13.92
CA PRO A 189 12.68 -12.03 12.45
C PRO A 189 11.87 -13.22 11.98
N PRO A 190 11.31 -13.16 10.78
CA PRO A 190 10.66 -14.35 10.22
C PRO A 190 11.64 -15.52 10.21
N VAL A 191 11.13 -16.69 10.61
CA VAL A 191 11.87 -17.93 10.47
C VAL A 191 11.50 -18.54 9.14
N SER A 192 12.50 -18.69 8.27
CA SER A 192 12.33 -19.09 6.89
C SER A 192 12.54 -20.58 6.66
N PHE A 193 13.11 -21.29 7.63
CA PHE A 193 13.49 -22.69 7.45
C PHE A 193 13.76 -23.31 8.82
N VAL A 194 13.35 -24.56 8.99
CA VAL A 194 13.72 -25.31 10.19
C VAL A 194 13.76 -26.80 9.84
N LYS A 195 14.63 -27.55 10.54
CA LYS A 195 14.66 -29.00 10.40
C LYS A 195 15.42 -29.62 11.56
N PHE A 196 15.00 -30.82 11.93
CA PHE A 196 15.72 -31.61 12.92
C PHE A 196 17.04 -32.14 12.34
N SER A 197 18.08 -32.15 13.17
CA SER A 197 19.35 -32.76 12.79
C SER A 197 19.17 -34.25 12.54
N PRO A 198 20.00 -34.88 11.69
CA PRO A 198 19.85 -36.31 11.43
C PRO A 198 19.95 -37.15 12.70
N ASN A 199 20.81 -36.67 13.57
CA ASN A 199 21.08 -37.35 14.79
C ASN A 199 19.98 -37.18 15.78
N GLY A 200 19.07 -36.23 15.54
CA GLY A 200 17.92 -35.98 16.39
C GLY A 200 18.04 -35.06 17.56
N LYS A 201 19.25 -34.63 17.85
CA LYS A 201 19.43 -33.79 19.01
C LYS A 201 19.16 -32.35 18.82
N TYR A 202 19.34 -31.86 17.59
CA TYR A 202 19.20 -30.45 17.37
C TYR A 202 18.20 -30.02 16.31
N ILE A 203 18.02 -28.74 16.23
CA ILE A 203 17.19 -28.16 15.20
C ILE A 203 17.99 -27.05 14.54
N LEU A 204 18.00 -27.01 13.23
CA LEU A 204 18.66 -25.94 12.50
C LEU A 204 17.55 -25.00 11.96
N ALA A 205 17.65 -23.74 12.29
CA ALA A 205 16.62 -22.77 11.91
C ALA A 205 17.26 -21.58 11.20
N ALA A 206 16.68 -21.16 10.09
CA ALA A 206 17.10 -19.97 9.36
C ALA A 206 16.14 -18.83 9.67
N THR A 207 16.69 -17.63 9.83
CA THR A 207 15.88 -16.42 9.97
C THR A 207 16.28 -15.42 8.90
N LEU A 208 15.34 -14.55 8.53
CA LEU A 208 15.55 -13.60 7.45
C LEU A 208 16.39 -12.40 7.89
N ASP A 209 17.37 -12.65 8.75
CA ASP A 209 18.38 -11.68 9.18
C ASP A 209 19.78 -12.17 8.81
N ASN A 210 19.86 -12.96 7.73
CA ASN A 210 21.13 -13.50 7.24
C ASN A 210 21.78 -14.44 8.26
N THR A 211 20.97 -15.23 8.97
CA THR A 211 21.48 -16.03 10.06
C THR A 211 20.87 -17.44 10.09
N LEU A 212 21.73 -18.43 10.29
CA LEU A 212 21.32 -19.78 10.62
C LEU A 212 21.74 -20.06 12.06
N LYS A 213 20.91 -20.78 12.79
CA LYS A 213 21.21 -21.10 14.18
C LYS A 213 20.96 -22.56 14.45
N LEU A 214 21.87 -23.16 15.20
CA LEU A 214 21.72 -24.55 15.63
C LEU A 214 21.32 -24.54 17.11
N TRP A 215 20.15 -25.15 17.39
CA TRP A 215 19.51 -25.15 18.70
C TRP A 215 19.52 -26.54 19.30
N ASP A 216 19.83 -26.59 20.60
CA ASP A 216 19.49 -27.74 21.43
C ASP A 216 18.04 -27.54 21.84
N TYR A 217 17.11 -28.25 21.19
CA TYR A 217 15.71 -28.00 21.47
C TYR A 217 15.24 -28.66 22.75
N SER A 218 15.96 -29.69 23.24
CA SER A 218 15.68 -30.23 24.56
C SER A 218 15.89 -29.17 25.64
N LYS A 219 16.94 -28.37 25.49
CA LYS A 219 17.29 -27.36 26.48
C LYS A 219 16.89 -25.95 26.07
N GLY A 220 16.26 -25.79 24.91
CA GLY A 220 15.96 -24.45 24.42
C GLY A 220 17.17 -23.55 24.36
N LYS A 221 18.32 -24.09 23.96
CA LYS A 221 19.57 -23.33 23.94
C LYS A 221 20.14 -23.29 22.52
N CYS A 222 20.56 -22.10 22.09
CA CYS A 222 21.21 -21.94 20.80
C CYS A 222 22.68 -22.29 20.90
N LEU A 223 23.08 -23.37 20.22
CA LEU A 223 24.45 -23.87 20.30
C LEU A 223 25.39 -23.20 19.29
N LYS A 224 24.92 -22.89 18.09
CA LYS A 224 25.85 -22.36 17.09
C LYS A 224 25.13 -21.35 16.20
N THR A 225 25.92 -20.53 15.51
CA THR A 225 25.39 -19.50 14.64
C THR A 225 26.26 -19.38 13.39
N TYR A 226 25.62 -19.37 12.23
CA TYR A 226 26.31 -19.33 10.95
C TYR A 226 25.83 -18.11 10.16
N THR A 227 26.80 -17.30 9.72
CA THR A 227 26.53 -16.09 8.96
C THR A 227 27.59 -15.97 7.88
N GLY A 228 27.51 -14.88 7.13
CA GLY A 228 28.35 -14.63 5.98
C GLY A 228 27.61 -14.71 4.67
N HIS A 229 26.49 -15.41 4.66
CA HIS A 229 25.65 -15.52 3.47
C HIS A 229 24.64 -14.38 3.47
N LYS A 230 23.80 -14.34 2.45
CA LYS A 230 22.78 -13.30 2.34
C LYS A 230 21.42 -13.98 2.32
N ASN A 231 20.57 -13.64 3.29
CA ASN A 231 19.25 -14.27 3.37
C ASN A 231 18.32 -13.31 4.13
N GLU A 232 17.67 -12.43 3.38
CA GLU A 232 16.71 -11.49 3.96
C GLU A 232 15.35 -11.52 3.28
N LYS A 233 15.18 -12.24 2.19
CA LYS A 233 13.93 -12.14 1.46
C LYS A 233 13.27 -13.49 1.18
N TYR A 234 14.04 -14.51 0.84
CA TYR A 234 13.47 -15.77 0.39
C TYR A 234 13.66 -16.86 1.43
N CYS A 235 12.76 -17.83 1.40
CA CYS A 235 12.87 -18.98 2.30
C CYS A 235 13.82 -19.99 1.67
N ILE A 236 15.05 -20.02 2.19
CA ILE A 236 16.11 -20.86 1.64
C ILE A 236 16.29 -22.10 2.50
N PHE A 237 16.30 -23.26 1.86
CA PHE A 237 16.37 -24.53 2.55
C PHE A 237 17.83 -24.84 2.90
N ALA A 238 18.10 -25.15 4.16
CA ALA A 238 19.45 -25.51 4.57
C ALA A 238 19.53 -26.98 4.96
N ASN A 239 20.74 -27.46 5.22
CA ASN A 239 20.92 -28.89 5.42
C ASN A 239 22.11 -29.19 6.33
N PHE A 240 22.04 -30.35 6.95
CA PHE A 240 23.18 -31.01 7.56
C PHE A 240 23.84 -31.90 6.52
N SER A 241 25.15 -31.78 6.37
CA SER A 241 25.93 -32.70 5.58
C SER A 241 26.76 -33.53 6.53
N VAL A 242 26.53 -34.84 6.54
CA VAL A 242 27.17 -35.72 7.53
C VAL A 242 27.83 -36.94 6.91
N THR A 243 27.84 -37.07 5.58
CA THR A 243 28.38 -38.26 4.95
C THR A 243 29.91 -38.29 5.00
N GLY A 244 30.54 -37.13 5.01
CA GLY A 244 31.98 -37.01 5.15
C GLY A 244 32.29 -36.23 6.41
N GLY A 245 32.81 -35.02 6.27
CA GLY A 245 32.85 -34.11 7.39
C GLY A 245 31.42 -33.73 7.79
N LYS A 246 31.30 -32.94 8.85
CA LYS A 246 29.99 -32.47 9.30
C LYS A 246 29.88 -30.99 9.00
N TRP A 247 29.05 -30.65 8.01
CA TRP A 247 28.92 -29.29 7.52
C TRP A 247 27.48 -28.83 7.62
N ILE A 248 27.31 -27.54 7.67
CA ILE A 248 26.03 -26.91 7.39
C ILE A 248 26.09 -26.39 5.96
N VAL A 249 25.02 -26.60 5.20
CA VAL A 249 24.95 -26.21 3.79
C VAL A 249 23.74 -25.31 3.61
N SER A 250 23.90 -24.20 2.88
CA SER A 250 22.71 -23.41 2.58
C SER A 250 22.89 -22.63 1.29
N GLY A 251 21.77 -22.36 0.62
CA GLY A 251 21.80 -21.40 -0.45
C GLY A 251 21.89 -20.00 0.10
N SER A 252 21.98 -19.04 -0.83
CA SER A 252 22.21 -17.66 -0.44
C SER A 252 21.66 -16.74 -1.53
N GLU A 253 21.32 -15.51 -1.13
CA GLU A 253 20.75 -14.55 -2.07
C GLU A 253 21.79 -13.85 -2.92
N ASP A 254 23.09 -14.13 -2.71
CA ASP A 254 24.13 -13.70 -3.62
C ASP A 254 24.48 -14.76 -4.67
N ASN A 255 23.61 -15.76 -4.84
CA ASN A 255 23.69 -16.81 -5.87
C ASN A 255 24.72 -17.89 -5.54
N LEU A 256 25.22 -17.95 -4.32
CA LEU A 256 26.24 -18.93 -3.94
C LEU A 256 25.64 -20.01 -3.06
N VAL A 257 26.32 -21.17 -3.04
CA VAL A 257 26.07 -22.16 -1.99
C VAL A 257 27.13 -21.99 -0.92
N TYR A 258 26.72 -21.80 0.32
CA TYR A 258 27.62 -21.66 1.45
C TYR A 258 27.72 -22.96 2.21
N ILE A 259 28.95 -23.32 2.59
CA ILE A 259 29.21 -24.49 3.42
C ILE A 259 30.05 -24.04 4.60
N TRP A 260 29.55 -24.33 5.81
CA TRP A 260 30.17 -24.02 7.09
C TRP A 260 30.61 -25.30 7.78
N ASN A 261 31.71 -25.19 8.51
CA ASN A 261 32.06 -26.21 9.50
C ASN A 261 31.08 -26.12 10.67
N LEU A 262 30.43 -27.25 10.99
CA LEU A 262 29.36 -27.22 11.99
C LEU A 262 29.86 -26.74 13.35
N GLN A 263 31.05 -27.19 13.77
CA GLN A 263 31.56 -26.85 15.10
C GLN A 263 32.20 -25.47 15.14
N THR A 264 33.01 -25.13 14.14
CA THR A 264 33.73 -23.87 14.17
C THR A 264 32.91 -22.71 13.62
N LYS A 265 31.82 -22.99 12.91
CA LYS A 265 30.97 -22.00 12.27
C LYS A 265 31.71 -21.23 11.18
N GLU A 266 32.92 -21.67 10.82
CA GLU A 266 33.65 -21.03 9.74
C GLU A 266 33.11 -21.47 8.39
N ILE A 267 32.93 -20.48 7.49
CA ILE A 267 32.68 -20.79 6.10
C ILE A 267 33.87 -21.57 5.55
N VAL A 268 33.63 -22.79 5.09
CA VAL A 268 34.70 -23.59 4.50
C VAL A 268 34.61 -23.65 2.99
N GLN A 269 33.46 -23.35 2.40
CA GLN A 269 33.41 -23.26 0.94
C GLN A 269 32.27 -22.35 0.51
N LYS A 270 32.46 -21.72 -0.65
CA LYS A 270 31.41 -21.00 -1.36
C LYS A 270 31.41 -21.51 -2.80
N LEU A 271 30.30 -22.14 -3.21
CA LEU A 271 30.18 -22.73 -4.52
C LEU A 271 29.53 -21.74 -5.46
N GLN A 272 30.29 -21.31 -6.48
CA GLN A 272 29.85 -20.32 -7.47
C GLN A 272 29.38 -21.01 -8.74
N GLY A 273 28.40 -20.40 -9.40
CA GLY A 273 27.91 -20.94 -10.65
C GLY A 273 26.47 -20.54 -10.94
N HIS A 274 25.60 -20.58 -9.92
CA HIS A 274 24.23 -20.15 -10.11
C HIS A 274 24.16 -18.67 -10.42
N THR A 275 23.10 -18.28 -11.16
CA THR A 275 22.92 -16.89 -11.55
C THR A 275 21.67 -16.26 -10.94
N ASP A 276 21.12 -16.87 -9.89
CA ASP A 276 20.03 -16.29 -9.14
C ASP A 276 20.07 -16.90 -7.75
N VAL A 277 19.20 -16.38 -6.88
CA VAL A 277 19.04 -16.88 -5.51
C VAL A 277 19.04 -18.40 -5.51
N VAL A 278 19.93 -19.00 -4.72
CA VAL A 278 19.90 -20.44 -4.52
C VAL A 278 18.89 -20.73 -3.41
N ILE A 279 17.69 -21.15 -3.81
CA ILE A 279 16.58 -21.30 -2.86
C ILE A 279 16.60 -22.67 -2.20
N SER A 280 17.22 -23.67 -2.83
CA SER A 280 17.14 -25.01 -2.27
C SER A 280 18.50 -25.68 -2.35
N THR A 281 18.86 -26.42 -1.29
CA THR A 281 19.99 -27.32 -1.31
C THR A 281 19.55 -28.63 -0.68
N ALA A 282 20.21 -29.72 -1.10
CA ALA A 282 19.96 -31.06 -0.60
C ALA A 282 21.29 -31.79 -0.51
N CYS A 283 21.38 -32.70 0.44
CA CYS A 283 22.60 -33.47 0.67
C CYS A 283 22.29 -34.94 0.46
N HIS A 284 23.12 -35.61 -0.35
CA HIS A 284 22.89 -37.01 -0.67
C HIS A 284 22.97 -37.88 0.60
N PRO A 285 22.16 -38.94 0.71
CA PRO A 285 22.12 -39.69 1.98
C PRO A 285 23.38 -40.48 2.30
N THR A 286 24.13 -40.95 1.31
CA THR A 286 25.33 -41.75 1.56
C THR A 286 26.61 -41.19 0.96
N GLU A 287 26.54 -40.40 -0.10
CA GLU A 287 27.73 -39.87 -0.75
C GLU A 287 27.84 -38.37 -0.55
N ASN A 288 29.04 -37.84 -0.78
CA ASN A 288 29.29 -36.40 -0.59
C ASN A 288 28.84 -35.68 -1.86
N ILE A 289 27.52 -35.55 -2.01
CA ILE A 289 26.92 -34.88 -3.16
C ILE A 289 25.92 -33.87 -2.65
N ILE A 290 26.00 -32.65 -3.18
CA ILE A 290 25.05 -31.58 -2.88
C ILE A 290 24.29 -31.27 -4.17
N ALA A 291 22.98 -31.11 -4.04
CA ALA A 291 22.18 -30.54 -5.10
C ALA A 291 21.75 -29.14 -4.69
N SER A 292 21.71 -28.22 -5.66
CA SER A 292 21.28 -26.86 -5.40
C SER A 292 20.35 -26.44 -6.51
N ALA A 293 19.43 -25.52 -6.21
CA ALA A 293 18.48 -25.03 -7.18
C ALA A 293 18.22 -23.55 -6.96
N ALA A 294 17.98 -22.84 -8.07
CA ALA A 294 17.96 -21.39 -8.11
C ALA A 294 16.69 -20.86 -8.78
N LEU A 295 16.46 -19.56 -8.57
CA LEU A 295 15.21 -18.93 -8.97
C LEU A 295 15.19 -18.53 -10.45
N GLU A 296 14.32 -17.57 -10.81
N GLU A 296 14.36 -17.54 -10.79
CA GLU A 296 13.84 -17.43 -12.18
CA GLU A 296 13.83 -17.36 -12.13
C GLU A 296 14.92 -17.02 -13.17
C GLU A 296 14.92 -17.02 -13.15
N ASN A 297 15.93 -16.25 -12.74
CA ASN A 297 16.98 -15.89 -13.69
C ASN A 297 17.90 -17.05 -14.01
N ASP A 298 17.77 -18.16 -13.28
CA ASP A 298 18.67 -19.30 -13.40
C ASP A 298 17.93 -20.54 -13.89
N LYS A 299 16.99 -21.07 -13.11
CA LYS A 299 16.10 -22.17 -13.47
C LYS A 299 16.80 -23.51 -13.51
N THR A 300 18.04 -23.61 -13.06
CA THR A 300 18.76 -24.88 -13.13
C THR A 300 18.99 -25.48 -11.75
N ILE A 301 19.31 -26.77 -11.78
CA ILE A 301 19.78 -27.52 -10.63
C ILE A 301 21.24 -27.83 -10.89
N LYS A 302 22.06 -27.76 -9.84
CA LYS A 302 23.46 -28.12 -9.98
C LYS A 302 23.80 -29.23 -8.99
N LEU A 303 24.63 -30.17 -9.43
CA LEU A 303 25.11 -31.25 -8.58
C LEU A 303 26.62 -31.05 -8.39
N TRP A 304 27.04 -31.06 -7.15
CA TRP A 304 28.42 -30.83 -6.74
C TRP A 304 28.89 -32.04 -5.94
N LYS A 305 30.17 -32.37 -6.08
CA LYS A 305 30.69 -33.57 -5.44
C LYS A 305 32.01 -33.25 -4.75
N SER A 306 32.27 -33.97 -3.66
CA SER A 306 33.43 -33.71 -2.83
C SER A 306 34.03 -35.00 -2.32
N ASP A 307 35.33 -34.97 -2.02
CA ASP A 307 36.00 -36.11 -1.42
C ASP A 307 35.71 -36.23 0.07
N CYS A 308 35.26 -35.16 0.70
CA CYS A 308 34.96 -35.18 2.13
C CYS A 308 33.80 -34.23 2.46
N MET B 1 -26.26 26.88 11.47
CA MET B 1 -26.17 26.53 10.06
C MET B 1 -25.83 27.77 9.23
N ASP B 2 -24.60 27.83 8.73
CA ASP B 2 -24.15 28.98 7.98
C ASP B 2 -24.66 28.96 6.55
N VAL B 3 -24.86 30.15 5.99
CA VAL B 3 -25.24 30.30 4.60
C VAL B 3 -24.33 31.36 3.99
N PHE B 4 -23.99 31.17 2.72
CA PHE B 4 -23.04 32.03 2.04
C PHE B 4 -23.74 32.66 0.86
N LEU B 5 -23.66 33.97 0.78
CA LEU B 5 -24.43 34.74 -0.13
C LEU B 5 -23.71 35.73 -1.00
N MET B 6 -24.32 36.00 -2.13
CA MET B 6 -23.99 37.12 -2.99
C MET B 6 -25.19 38.06 -2.99
N ILE B 7 -25.00 39.25 -2.44
CA ILE B 7 -26.03 40.29 -2.44
C ILE B 7 -25.74 41.20 -3.63
N ARG B 8 -26.65 41.26 -4.59
CA ARG B 8 -26.35 41.82 -5.90
C ARG B 8 -27.28 42.96 -6.26
N ARG B 9 -26.71 44.06 -6.71
CA ARG B 9 -27.46 45.19 -7.24
C ARG B 9 -26.65 45.82 -8.37
N HIS B 10 -27.28 45.98 -9.54
CA HIS B 10 -26.67 46.65 -10.71
C HIS B 10 -25.40 45.88 -11.05
N LYS B 11 -24.22 46.49 -10.97
CA LYS B 11 -22.96 45.80 -11.23
C LYS B 11 -22.14 45.67 -9.96
N THR B 12 -22.82 45.49 -8.83
CA THR B 12 -22.18 45.35 -7.53
C THR B 12 -22.64 44.05 -6.91
N THR B 13 -21.69 43.30 -6.36
CA THR B 13 -21.94 42.02 -5.71
C THR B 13 -21.17 42.00 -4.40
N ILE B 14 -21.87 41.78 -3.30
CA ILE B 14 -21.28 41.70 -1.98
C ILE B 14 -21.26 40.24 -1.58
N PHE B 15 -20.10 39.75 -1.16
CA PHE B 15 -19.97 38.39 -0.66
C PHE B 15 -20.09 38.46 0.86
N THR B 16 -21.07 37.75 1.42
CA THR B 16 -21.16 37.75 2.87
C THR B 16 -21.75 36.43 3.35
N ASP B 17 -21.61 36.18 4.64
CA ASP B 17 -22.18 34.98 5.24
C ASP B 17 -23.21 35.38 6.28
N ALA B 18 -24.10 34.44 6.59
CA ALA B 18 -25.13 34.62 7.63
C ALA B 18 -25.50 33.24 8.16
N LYS B 19 -26.63 33.16 8.87
CA LYS B 19 -27.15 31.90 9.36
C LYS B 19 -28.56 31.68 8.82
N GLU B 20 -28.96 30.40 8.75
CA GLU B 20 -30.34 30.09 8.41
C GLU B 20 -31.31 30.79 9.35
N SER B 21 -30.90 31.00 10.60
CA SER B 21 -31.74 31.65 11.58
C SER B 21 -31.63 33.17 11.53
N SER B 22 -30.66 33.71 10.79
CA SER B 22 -30.60 35.15 10.54
C SER B 22 -31.88 35.62 9.89
N THR B 23 -32.35 36.79 10.29
CA THR B 23 -33.48 37.37 9.60
C THR B 23 -33.00 38.20 8.42
N VAL B 24 -33.92 38.42 7.48
CA VAL B 24 -33.69 39.33 6.36
C VAL B 24 -33.20 40.69 6.86
N PHE B 25 -33.82 41.20 7.95
CA PHE B 25 -33.42 42.48 8.50
C PHE B 25 -31.95 42.50 8.91
N GLU B 26 -31.48 41.41 9.52
CA GLU B 26 -30.08 41.33 9.94
C GLU B 26 -29.16 41.51 8.72
N LEU B 27 -29.57 40.89 7.61
CA LEU B 27 -28.85 40.95 6.36
C LEU B 27 -28.79 42.40 5.89
N LYS B 28 -29.91 43.10 6.02
CA LYS B 28 -29.93 44.47 5.67
C LYS B 28 -28.95 45.27 6.56
N ARG B 29 -28.80 44.89 7.81
CA ARG B 29 -27.84 45.60 8.68
C ARG B 29 -26.41 45.35 8.22
N ILE B 30 -26.12 44.12 7.82
CA ILE B 30 -24.83 43.81 7.19
C ILE B 30 -24.62 44.70 5.96
N VAL B 31 -25.61 44.76 5.08
CA VAL B 31 -25.51 45.59 3.87
C VAL B 31 -25.30 47.05 4.24
N GLU B 32 -25.98 47.52 5.28
CA GLU B 32 -25.87 48.92 5.69
C GLU B 32 -24.45 49.26 6.10
N GLY B 33 -23.79 48.36 6.83
CA GLY B 33 -22.39 48.58 7.19
C GLY B 33 -21.49 48.85 5.99
N ILE B 34 -21.82 48.26 4.84
CA ILE B 34 -20.97 48.30 3.66
C ILE B 34 -21.36 49.44 2.71
N LEU B 35 -22.64 49.52 2.34
CA LEU B 35 -23.12 50.47 1.35
C LEU B 35 -23.68 51.75 1.94
N LYS B 36 -23.81 51.83 3.27
CA LYS B 36 -24.20 53.06 3.96
C LYS B 36 -25.62 53.51 3.60
N ARG B 37 -26.51 52.54 3.38
CA ARG B 37 -27.93 52.83 3.28
C ARG B 37 -28.65 52.07 4.39
N PRO B 38 -29.57 52.69 5.11
CA PRO B 38 -30.23 52.02 6.25
C PRO B 38 -31.19 50.93 5.78
N PRO B 39 -31.52 49.98 6.66
CA PRO B 39 -32.44 48.90 6.27
C PRO B 39 -33.78 49.36 5.71
N ASP B 40 -34.32 50.48 6.17
CA ASP B 40 -35.61 50.93 5.64
C ASP B 40 -35.49 51.55 4.24
N GLU B 41 -34.28 51.69 3.72
CA GLU B 41 -34.06 52.08 2.34
C GLU B 41 -33.62 50.92 1.46
N GLN B 42 -33.74 49.69 1.96
CA GLN B 42 -33.35 48.49 1.23
C GLN B 42 -34.55 47.58 1.04
N ARG B 43 -34.62 46.96 -0.13
CA ARG B 43 -35.48 45.83 -0.38
C ARG B 43 -34.59 44.68 -0.81
N LEU B 44 -34.78 43.51 -0.20
CA LEU B 44 -34.03 42.32 -0.57
C LEU B 44 -34.97 41.32 -1.22
N TYR B 45 -34.43 40.55 -2.16
CA TYR B 45 -35.20 39.66 -3.02
C TYR B 45 -34.53 38.30 -3.12
N LYS B 46 -35.33 37.26 -3.25
CA LYS B 46 -34.88 35.96 -3.72
C LYS B 46 -35.63 35.72 -5.02
N ASP B 47 -34.88 35.67 -6.12
CA ASP B 47 -35.45 35.66 -7.48
C ASP B 47 -36.35 36.90 -7.59
N ASP B 48 -37.60 36.77 -8.01
CA ASP B 48 -38.49 37.92 -8.15
C ASP B 48 -39.29 38.20 -6.88
N GLN B 49 -39.00 37.53 -5.77
CA GLN B 49 -39.83 37.60 -4.58
C GLN B 49 -39.23 38.57 -3.57
N LEU B 50 -39.99 39.60 -3.22
CA LEU B 50 -39.60 40.49 -2.14
C LEU B 50 -39.61 39.74 -0.81
N LEU B 51 -38.54 39.89 -0.03
CA LEU B 51 -38.38 39.18 1.22
C LEU B 51 -38.87 40.02 2.39
N ASP B 52 -39.66 39.43 3.24
CA ASP B 52 -40.14 40.09 4.44
C ASP B 52 -39.03 40.24 5.49
N ASP B 53 -38.91 41.43 6.02
CA ASP B 53 -37.81 41.74 6.94
C ASP B 53 -37.74 40.79 8.13
N GLY B 54 -38.89 40.27 8.58
CA GLY B 54 -38.95 39.43 9.75
C GLY B 54 -38.74 37.95 9.52
N LYS B 55 -38.77 37.51 8.26
CA LYS B 55 -38.55 36.10 7.97
C LYS B 55 -37.06 35.75 8.11
N THR B 56 -36.78 34.55 8.59
CA THR B 56 -35.40 34.10 8.65
C THR B 56 -34.96 33.63 7.26
N LEU B 57 -33.65 33.61 7.06
CA LEU B 57 -33.14 33.18 5.76
C LEU B 57 -33.60 31.77 5.42
N GLY B 58 -33.64 30.89 6.42
CA GLY B 58 -34.16 29.55 6.19
C GLY B 58 -35.61 29.56 5.74
N GLU B 59 -36.44 30.41 6.34
CA GLU B 59 -37.83 30.50 5.93
C GLU B 59 -37.98 31.04 4.52
N CYS B 60 -36.93 31.68 3.99
CA CYS B 60 -36.97 32.19 2.63
C CYS B 60 -36.41 31.20 1.62
N GLY B 61 -35.72 30.16 2.08
CA GLY B 61 -35.15 29.14 1.21
C GLY B 61 -33.65 29.04 1.21
N PHE B 62 -32.94 29.83 2.00
CA PHE B 62 -31.48 29.82 2.00
C PHE B 62 -31.03 28.80 3.03
N THR B 63 -30.58 27.64 2.56
CA THR B 63 -30.11 26.58 3.46
C THR B 63 -28.62 26.40 3.30
N SER B 64 -28.02 25.75 4.30
CA SER B 64 -26.60 25.45 4.20
C SER B 64 -26.31 24.58 2.99
N GLN B 65 -27.28 23.79 2.55
CA GLN B 65 -27.08 22.91 1.40
C GLN B 65 -27.13 23.65 0.07
N THR B 66 -27.92 24.74 -0.04
CA THR B 66 -28.01 25.48 -1.30
C THR B 66 -27.33 26.84 -1.23
N ALA B 67 -26.55 27.12 -0.19
CA ALA B 67 -25.88 28.41 -0.04
C ALA B 67 -24.49 28.16 0.52
N ARG B 68 -23.62 27.53 -0.31
CA ARG B 68 -22.31 27.05 0.11
C ARG B 68 -21.22 28.07 -0.17
N PRO B 69 -20.12 28.04 0.60
CA PRO B 69 -19.02 29.00 0.34
C PRO B 69 -18.59 29.03 -1.10
N GLN B 70 -18.49 27.85 -1.72
CA GLN B 70 -18.04 27.68 -3.10
C GLN B 70 -19.16 27.89 -4.11
N ALA B 71 -20.41 28.00 -3.67
CA ALA B 71 -21.53 28.24 -4.57
C ALA B 71 -22.59 29.04 -3.82
N PRO B 72 -22.31 30.32 -3.55
CA PRO B 72 -23.24 31.12 -2.74
C PRO B 72 -24.57 31.35 -3.43
N ALA B 73 -25.60 31.51 -2.61
CA ALA B 73 -26.93 31.87 -3.10
C ALA B 73 -27.03 33.38 -3.32
N THR B 74 -27.87 33.78 -4.25
CA THR B 74 -27.98 35.18 -4.65
C THR B 74 -29.17 35.84 -3.97
N VAL B 75 -28.91 36.97 -3.31
CA VAL B 75 -29.93 37.88 -2.80
C VAL B 75 -29.89 39.15 -3.65
N GLY B 76 -31.03 39.54 -4.21
CA GLY B 76 -31.10 40.80 -4.94
C GLY B 76 -31.33 41.97 -4.01
N LEU B 77 -30.81 43.13 -4.37
CA LEU B 77 -30.92 44.35 -3.57
C LEU B 77 -31.42 45.50 -4.42
N ALA B 78 -32.44 46.22 -3.92
CA ALA B 78 -32.84 47.48 -4.55
C ALA B 78 -33.03 48.55 -3.48
N PHE B 79 -32.73 49.80 -3.82
CA PHE B 79 -32.80 50.86 -2.83
C PHE B 79 -34.11 51.62 -2.96
N ARG B 80 -34.38 52.43 -1.94
CA ARG B 80 -35.57 53.27 -1.86
C ARG B 80 -35.18 54.59 -1.21
N ALA B 81 -35.65 55.70 -1.78
CA ALA B 81 -35.44 57.02 -1.19
C ALA B 81 -36.80 57.72 -1.10
N ASP B 82 -37.33 57.83 0.11
CA ASP B 82 -38.62 58.46 0.36
C ASP B 82 -39.72 57.76 -0.42
N ASP B 83 -40.31 58.44 -1.42
CA ASP B 83 -41.40 57.88 -2.19
C ASP B 83 -40.97 57.25 -3.51
N THR B 84 -39.67 57.23 -3.80
CA THR B 84 -39.18 56.67 -5.05
C THR B 84 -38.54 55.31 -4.77
N PHE B 85 -39.01 54.27 -5.44
CA PHE B 85 -38.55 52.91 -5.25
C PHE B 85 -37.76 52.51 -6.49
N GLU B 86 -36.55 52.03 -6.30
CA GLU B 86 -35.74 51.60 -7.44
C GLU B 86 -36.05 50.14 -7.73
N ALA B 87 -36.20 49.82 -9.00
CA ALA B 87 -36.57 48.45 -9.35
C ALA B 87 -35.35 47.54 -9.20
N LEU B 88 -35.62 46.26 -8.96
CA LEU B 88 -34.53 45.30 -8.89
C LEU B 88 -33.89 45.16 -10.26
N CYS B 89 -32.58 45.32 -10.32
CA CYS B 89 -31.88 45.26 -11.60
C CYS B 89 -30.47 44.77 -11.34
N ILE B 90 -30.19 43.56 -11.79
CA ILE B 90 -28.88 42.92 -11.60
C ILE B 90 -28.29 42.68 -12.99
N GLU B 91 -27.15 43.28 -13.27
CA GLU B 91 -26.48 43.04 -14.54
C GLU B 91 -25.81 41.67 -14.52
N PRO B 92 -26.05 40.82 -15.50
CA PRO B 92 -25.36 39.52 -15.54
C PRO B 92 -23.86 39.68 -15.73
N PHE B 93 -23.15 38.66 -15.27
CA PHE B 93 -21.72 38.56 -15.48
C PHE B 93 -21.41 38.32 -16.96
N SER B 94 -20.12 38.42 -17.30
CA SER B 94 -19.67 38.07 -18.64
C SER B 94 -19.90 36.59 -18.91
N SER B 95 -19.68 36.18 -20.16
CA SER B 95 -19.84 34.79 -20.55
C SER B 95 -18.49 34.19 -20.97
N PRO B 96 -18.25 32.91 -20.68
CA PRO B 96 -17.00 32.30 -21.12
C PRO B 96 -16.99 32.11 -22.64
N PRO B 97 -15.80 32.08 -23.25
CA PRO B 97 -15.69 31.87 -24.70
C PRO B 97 -15.95 30.42 -25.03
N GLU B 98 -16.09 30.10 -26.33
CA GLU B 98 -16.33 28.73 -26.75
C GLU B 98 -15.27 27.79 -26.19
N LEU B 99 -15.69 26.69 -25.60
CA LEU B 99 -14.76 25.75 -25.02
C LEU B 99 -13.77 25.29 -26.07
N PRO B 100 -12.52 25.35 -25.79
CA PRO B 100 -11.53 25.03 -26.82
C PRO B 100 -11.64 23.59 -27.31
N ASP B 101 -11.12 23.36 -28.52
CA ASP B 101 -11.31 22.07 -29.20
C ASP B 101 -10.78 20.91 -28.37
N VAL B 102 -9.60 21.05 -27.77
CA VAL B 102 -8.99 19.93 -27.05
C VAL B 102 -9.65 19.65 -25.70
N MET B 103 -10.73 20.34 -25.36
CA MET B 103 -11.41 20.12 -24.09
C MET B 103 -12.79 19.46 -24.26
N MET C 2 -13.39 44.64 7.79
CA MET C 2 -13.17 45.56 6.68
C MET C 2 -13.29 44.87 5.33
N TYR C 3 -13.78 45.61 4.33
CA TYR C 3 -14.03 45.07 3.01
C TYR C 3 -13.17 45.78 1.97
N VAL C 4 -13.01 45.10 0.84
CA VAL C 4 -12.31 45.66 -0.31
C VAL C 4 -13.18 45.41 -1.53
N LYS C 5 -12.97 46.23 -2.55
CA LYS C 5 -13.73 46.16 -3.78
C LYS C 5 -12.79 45.73 -4.89
N LEU C 6 -13.11 44.62 -5.53
CA LEU C 6 -12.35 44.10 -6.66
C LEU C 6 -13.20 44.29 -7.90
N ILE C 7 -12.66 44.97 -8.90
CA ILE C 7 -13.42 45.39 -10.06
C ILE C 7 -12.91 44.63 -11.27
N SER C 8 -13.83 43.96 -11.95
CA SER C 8 -13.48 43.16 -13.10
C SER C 8 -13.24 44.05 -14.32
N SER C 9 -12.69 43.42 -15.36
CA SER C 9 -12.37 44.15 -16.57
C SER C 9 -13.61 44.75 -17.21
N ASP C 10 -14.78 44.11 -17.04
CA ASP C 10 -16.03 44.63 -17.57
C ASP C 10 -16.79 45.46 -16.55
N GLY C 11 -16.14 45.90 -15.47
CA GLY C 11 -16.74 46.90 -14.59
C GLY C 11 -17.60 46.37 -13.48
N HIS C 12 -17.62 45.05 -13.25
CA HIS C 12 -18.35 44.51 -12.11
C HIS C 12 -17.55 44.72 -10.84
N GLU C 13 -18.24 45.16 -9.79
CA GLU C 13 -17.64 45.35 -8.48
C GLU C 13 -17.99 44.16 -7.59
N PHE C 14 -16.98 43.63 -6.92
CA PHE C 14 -17.11 42.50 -6.00
C PHE C 14 -16.56 42.97 -4.66
N ILE C 15 -17.44 43.07 -3.67
CA ILE C 15 -17.06 43.53 -2.35
C ILE C 15 -16.88 42.30 -1.47
N VAL C 16 -15.65 42.09 -0.99
CA VAL C 16 -15.28 40.90 -0.22
C VAL C 16 -14.53 41.33 1.03
N LYS C 17 -14.56 40.48 2.06
CA LYS C 17 -13.79 40.78 3.25
C LYS C 17 -12.31 40.93 2.89
N ARG C 18 -11.65 41.90 3.52
CA ARG C 18 -10.24 42.14 3.23
C ARG C 18 -9.42 40.87 3.45
N GLU C 19 -9.72 40.13 4.53
CA GLU C 19 -8.96 38.93 4.82
C GLU C 19 -9.07 37.91 3.70
N HIS C 20 -10.25 37.82 3.07
CA HIS C 20 -10.42 36.90 1.96
C HIS C 20 -9.59 37.33 0.76
N ALA C 21 -9.66 38.62 0.39
CA ALA C 21 -8.89 39.12 -0.74
C ALA C 21 -7.39 38.95 -0.55
N LEU C 22 -6.91 39.12 0.68
CA LEU C 22 -5.47 38.98 0.91
C LEU C 22 -4.99 37.53 0.79
N THR C 23 -5.88 36.60 0.45
CA THR C 23 -5.45 35.27 0.02
C THR C 23 -4.49 35.37 -1.15
N SER C 24 -4.64 36.39 -1.99
CA SER C 24 -3.83 36.55 -3.18
C SER C 24 -2.77 37.62 -2.93
N GLY C 25 -1.50 37.21 -3.00
CA GLY C 25 -0.41 38.17 -2.82
C GLY C 25 -0.41 39.24 -3.89
N THR C 26 -0.95 38.94 -5.06
CA THR C 26 -1.10 39.95 -6.10
C THR C 26 -2.08 41.01 -5.67
N ILE C 27 -3.25 40.60 -5.18
CA ILE C 27 -4.23 41.56 -4.71
C ILE C 27 -3.65 42.41 -3.58
N LYS C 28 -2.89 41.78 -2.68
CA LYS C 28 -2.24 42.51 -1.62
C LYS C 28 -1.29 43.57 -2.17
N ALA C 29 -0.50 43.20 -3.20
CA ALA C 29 0.39 44.18 -3.80
C ALA C 29 -0.39 45.32 -4.45
N MET C 30 -1.52 45.01 -5.08
CA MET C 30 -2.30 46.04 -5.75
C MET C 30 -3.04 46.93 -4.76
N LEU C 31 -3.33 46.42 -3.56
CA LEU C 31 -4.00 47.24 -2.57
C LEU C 31 -3.03 48.26 -1.97
N SER C 32 -1.76 47.91 -1.85
CA SER C 32 -0.75 48.87 -1.40
C SER C 32 -0.64 50.06 -2.35
N THR C 42 -7.13 54.10 -1.46
CA THR C 42 -8.37 53.42 -1.77
C THR C 42 -8.33 51.95 -1.37
N ASN C 43 -9.50 51.37 -1.12
CA ASN C 43 -9.63 49.94 -0.86
C ASN C 43 -10.13 49.20 -2.09
N GLU C 44 -9.82 49.69 -3.28
CA GLU C 44 -10.31 49.06 -4.50
C GLU C 44 -9.16 48.68 -5.42
N VAL C 45 -9.40 47.63 -6.19
CA VAL C 45 -8.44 47.08 -7.14
C VAL C 45 -9.16 46.93 -8.45
N ASN C 46 -8.56 47.43 -9.53
CA ASN C 46 -9.13 47.30 -10.86
C ASN C 46 -8.29 46.30 -11.63
N PHE C 47 -8.91 45.20 -12.03
CA PHE C 47 -8.25 44.22 -12.88
C PHE C 47 -8.47 44.63 -14.33
N ARG C 48 -7.40 44.60 -15.10
CA ARG C 48 -7.45 45.10 -16.46
C ARG C 48 -7.98 44.06 -17.43
N GLU C 49 -7.88 42.77 -17.08
CA GLU C 49 -8.26 41.70 -18.00
C GLU C 49 -9.18 40.63 -17.43
N ILE C 50 -9.26 40.46 -16.12
CA ILE C 50 -10.05 39.36 -15.58
C ILE C 50 -11.52 39.74 -15.65
N PRO C 51 -12.35 39.00 -16.38
CA PRO C 51 -13.76 39.38 -16.52
C PRO C 51 -14.61 38.91 -15.34
N SER C 52 -15.84 39.42 -15.30
CA SER C 52 -16.68 39.25 -14.12
C SER C 52 -16.99 37.78 -13.83
N HIS C 53 -17.26 36.98 -14.87
CA HIS C 53 -17.59 35.58 -14.61
C HIS C 53 -16.41 34.85 -13.97
N VAL C 54 -15.19 35.27 -14.28
CA VAL C 54 -14.02 34.66 -13.65
C VAL C 54 -13.79 35.23 -12.25
N LEU C 55 -13.88 36.56 -12.10
CA LEU C 55 -13.58 37.15 -10.81
C LEU C 55 -14.61 36.76 -9.75
N SER C 56 -15.87 36.60 -10.14
CA SER C 56 -16.86 36.11 -9.19
C SER C 56 -16.50 34.72 -8.68
N LYS C 57 -16.03 33.85 -9.59
CA LYS C 57 -15.59 32.51 -9.19
C LYS C 57 -14.37 32.58 -8.28
N VAL C 58 -13.45 33.49 -8.57
CA VAL C 58 -12.29 33.69 -7.70
C VAL C 58 -12.72 34.09 -6.30
N CYS C 59 -13.70 35.00 -6.19
CA CYS C 59 -14.17 35.39 -4.87
C CYS C 59 -14.81 34.20 -4.13
N MET C 60 -15.57 33.38 -4.86
CA MET C 60 -16.13 32.17 -4.24
C MET C 60 -15.02 31.26 -3.73
N TYR C 61 -13.93 31.15 -4.50
CA TYR C 61 -12.78 30.40 -4.02
C TYR C 61 -12.23 30.99 -2.73
N PHE C 62 -12.12 32.31 -2.66
CA PHE C 62 -11.63 32.95 -1.44
C PHE C 62 -12.49 32.55 -0.23
N THR C 63 -13.81 32.57 -0.41
CA THR C 63 -14.71 32.20 0.70
C THR C 63 -14.50 30.76 1.11
N TYR C 64 -14.47 29.87 0.11
CA TYR C 64 -14.24 28.45 0.36
C TYR C 64 -12.91 28.21 1.06
N LYS C 65 -11.85 28.88 0.61
CA LYS C 65 -10.53 28.72 1.18
C LYS C 65 -10.51 29.15 2.64
N VAL C 66 -11.06 30.33 2.94
CA VAL C 66 -11.02 30.81 4.31
C VAL C 66 -11.92 29.95 5.21
N ARG C 67 -13.05 29.48 4.68
CA ARG C 67 -13.99 28.72 5.51
C ARG C 67 -13.43 27.35 5.85
N TYR C 68 -12.78 26.70 4.90
CA TYR C 68 -12.40 25.30 5.12
C TYR C 68 -10.95 25.12 5.50
N THR C 69 -10.13 26.17 5.46
CA THR C 69 -8.71 26.00 5.77
C THR C 69 -8.53 25.69 7.25
N ASN C 70 -7.85 24.58 7.54
CA ASN C 70 -7.56 24.13 8.90
C ASN C 70 -8.83 24.02 9.74
N SER C 71 -9.85 23.38 9.16
CA SER C 71 -11.15 23.29 9.81
C SER C 71 -11.44 21.92 10.40
N SER C 72 -10.60 20.92 10.13
CA SER C 72 -10.71 19.58 10.71
C SER C 72 -12.02 18.89 10.36
N THR C 73 -12.72 19.36 9.32
CA THR C 73 -13.99 18.79 8.90
C THR C 73 -13.84 18.14 7.54
N GLU C 74 -14.91 17.46 7.12
CA GLU C 74 -15.02 17.02 5.74
C GLU C 74 -15.13 18.23 4.82
N ILE C 75 -14.31 18.27 3.78
CA ILE C 75 -14.20 19.42 2.89
C ILE C 75 -14.81 19.04 1.54
N PRO C 76 -15.74 19.81 1.01
CA PRO C 76 -16.29 19.49 -0.31
C PRO C 76 -15.35 19.93 -1.41
N GLU C 77 -15.54 19.33 -2.59
CA GLU C 77 -14.79 19.74 -3.77
C GLU C 77 -15.10 21.18 -4.15
N PHE C 78 -14.07 21.90 -4.57
CA PHE C 78 -14.33 23.18 -5.22
C PHE C 78 -14.67 22.91 -6.69
N PRO C 79 -15.91 23.15 -7.10
CA PRO C 79 -16.34 22.81 -8.45
C PRO C 79 -15.89 23.85 -9.46
N ILE C 80 -15.46 23.37 -10.63
CA ILE C 80 -15.06 24.24 -11.74
C ILE C 80 -15.67 23.68 -13.02
N ALA C 81 -16.57 24.42 -13.64
CA ALA C 81 -17.12 23.99 -14.91
C ALA C 81 -16.04 24.00 -16.00
N PRO C 82 -16.13 23.09 -16.98
CA PRO C 82 -15.13 23.10 -18.06
C PRO C 82 -15.04 24.42 -18.80
N GLU C 83 -16.18 25.09 -19.03
CA GLU C 83 -16.18 26.29 -19.84
C GLU C 83 -15.40 27.42 -19.20
N ILE C 84 -15.27 27.39 -17.87
CA ILE C 84 -14.55 28.43 -17.14
C ILE C 84 -13.13 28.04 -16.76
N ALA C 85 -12.74 26.76 -16.93
CA ALA C 85 -11.53 26.27 -16.29
C ALA C 85 -10.27 26.97 -16.80
N LEU C 86 -10.14 27.16 -18.11
CA LEU C 86 -8.90 27.74 -18.63
C LEU C 86 -8.72 29.18 -18.16
N GLU C 87 -9.78 30.00 -18.25
CA GLU C 87 -9.65 31.38 -17.76
C GLU C 87 -9.44 31.41 -16.26
N LEU C 88 -10.10 30.52 -15.52
CA LEU C 88 -9.88 30.48 -14.08
C LEU C 88 -8.45 30.11 -13.76
N LEU C 89 -7.87 29.19 -14.53
CA LEU C 89 -6.46 28.87 -14.38
C LEU C 89 -5.59 30.09 -14.61
N MET C 90 -5.84 30.81 -15.71
CA MET C 90 -5.07 32.02 -16.00
C MET C 90 -5.17 33.00 -14.82
N ALA C 91 -6.37 33.18 -14.30
CA ALA C 91 -6.56 34.14 -13.21
C ALA C 91 -5.87 33.67 -11.94
N ALA C 92 -6.01 32.38 -11.60
CA ALA C 92 -5.38 31.86 -10.39
C ALA C 92 -3.86 31.98 -10.48
N ASN C 93 -3.31 31.75 -11.68
CA ASN C 93 -1.87 31.90 -11.86
C ASN C 93 -1.45 33.36 -11.65
N PHE C 94 -2.19 34.29 -12.25
CA PHE C 94 -1.84 35.70 -12.11
C PHE C 94 -1.96 36.16 -10.67
N LEU C 95 -3.03 35.74 -9.98
CA LEU C 95 -3.27 36.11 -8.60
C LEU C 95 -2.45 35.31 -7.61
N ASP C 96 -1.79 34.24 -8.06
CA ASP C 96 -1.05 33.33 -7.18
C ASP C 96 -1.90 32.86 -6.01
N CYS C 97 -3.08 32.35 -6.31
CA CYS C 97 -3.95 31.84 -5.24
C CYS C 97 -4.44 30.43 -5.57
N ARG D 7 25.17 15.33 3.66
CA ARG D 7 24.50 14.71 4.80
C ARG D 7 23.46 13.71 4.33
N PRO D 8 23.50 12.49 4.89
CA PRO D 8 22.48 11.49 4.53
C PRO D 8 21.09 12.00 4.90
N ARG D 9 20.15 11.83 3.98
CA ARG D 9 18.79 12.31 4.20
C ARG D 9 17.90 11.16 4.63
N PRO D 10 17.07 11.35 5.65
CA PRO D 10 16.29 10.23 6.20
C PRO D 10 15.36 9.62 5.17
N VAL D 11 15.45 8.29 5.02
CA VAL D 11 14.49 7.53 4.23
C VAL D 11 13.20 7.43 5.01
N LEU D 12 12.15 8.12 4.55
CA LEU D 12 10.82 7.93 5.12
C LEU D 12 10.36 6.51 4.86
N ARG D 13 10.13 5.76 5.94
N ARG D 13 10.12 5.77 5.94
CA ARG D 13 9.89 4.33 5.86
CA ARG D 13 9.82 4.35 5.81
C ARG D 13 9.11 3.89 7.08
C ARG D 13 9.11 3.88 7.06
N SER D 14 8.42 2.75 6.93
CA SER D 14 7.79 2.12 8.08
C SER D 14 8.86 1.50 8.97
N VAL D 15 8.72 1.65 10.28
CA VAL D 15 9.60 0.99 11.24
C VAL D 15 9.03 -0.40 11.38
N ASN D 16 9.86 -1.42 11.29
CA ASN D 16 9.34 -2.77 11.40
C ASN D 16 9.23 -3.17 12.85
N SER D 17 8.15 -2.74 13.45
CA SER D 17 7.89 -2.99 14.85
C SER D 17 7.18 -4.26 15.20
N ARG D 18 6.49 -4.85 14.20
N ARG D 18 6.57 -4.89 14.28
CA ARG D 18 5.73 -6.07 14.41
CA ARG D 18 5.78 -6.11 14.48
C ARG D 18 4.75 -5.93 15.59
C ARG D 18 4.75 -5.94 15.60
N GLU D 19 4.24 -4.74 15.77
CA GLU D 19 3.24 -4.46 16.80
C GLU D 19 1.93 -4.09 16.12
N PRO D 20 0.92 -4.97 16.15
CA PRO D 20 -0.30 -4.73 15.37
C PRO D 20 -1.08 -3.53 15.86
N SER D 21 -1.84 -2.94 14.94
CA SER D 21 -2.66 -1.76 15.20
C SER D 21 -3.86 -1.80 14.26
N GLN D 22 -5.06 -1.69 14.81
CA GLN D 22 -6.23 -1.68 13.94
C GLN D 22 -6.66 -0.25 13.68
N VAL D 23 -7.01 0.00 12.43
CA VAL D 23 -7.21 1.35 11.92
C VAL D 23 -8.53 1.39 11.17
N ILE D 24 -9.23 2.51 11.25
CA ILE D 24 -10.35 2.74 10.34
C ILE D 24 -9.88 3.73 9.28
N PHE D 25 -9.84 3.27 8.03
CA PHE D 25 -9.59 4.14 6.88
C PHE D 25 -10.92 4.75 6.50
N CYS D 26 -11.12 5.99 6.90
CA CYS D 26 -12.36 6.71 6.64
C CYS D 26 -12.18 7.70 5.51
N ASN D 27 -12.80 7.39 4.38
CA ASN D 27 -12.72 8.26 3.20
C ASN D 27 -13.78 9.35 3.29
N ARG D 28 -13.43 10.47 3.92
CA ARG D 28 -14.26 11.66 4.01
C ARG D 28 -13.99 12.63 2.87
N SER D 29 -13.81 12.12 1.66
CA SER D 29 -13.49 12.92 0.49
C SER D 29 -14.41 12.48 -0.63
N PRO D 30 -14.56 13.31 -1.67
CA PRO D 30 -15.32 12.89 -2.85
C PRO D 30 -14.51 12.10 -3.88
N ARG D 31 -13.26 11.75 -3.58
CA ARG D 31 -12.41 11.04 -4.52
C ARG D 31 -12.39 9.55 -4.21
N VAL D 32 -12.08 8.77 -5.24
CA VAL D 32 -11.63 7.39 -5.02
C VAL D 32 -10.23 7.45 -4.44
N VAL D 33 -10.02 6.84 -3.29
CA VAL D 33 -8.79 7.01 -2.53
C VAL D 33 -7.91 5.78 -2.69
N LEU D 34 -6.65 6.02 -3.04
CA LEU D 34 -5.61 5.01 -3.04
C LEU D 34 -4.78 5.15 -1.78
N PRO D 35 -4.87 4.21 -0.83
CA PRO D 35 -3.92 4.18 0.28
C PRO D 35 -2.56 3.72 -0.23
N VAL D 36 -1.51 4.34 0.28
CA VAL D 36 -0.15 4.06 -0.13
C VAL D 36 0.67 3.78 1.12
N TRP D 37 1.20 2.56 1.22
CA TRP D 37 1.98 2.15 2.37
C TRP D 37 3.46 2.22 2.00
N LEU D 38 4.25 2.92 2.81
CA LEU D 38 5.70 2.92 2.60
C LEU D 38 6.29 1.66 3.24
N ASN D 39 6.99 0.84 2.46
CA ASN D 39 7.52 -0.39 3.04
C ASN D 39 8.75 -0.06 3.89
N PHE D 40 9.41 -1.11 4.37
N PHE D 40 9.43 -1.10 4.38
CA PHE D 40 10.56 -0.92 5.26
CA PHE D 40 10.54 -0.84 5.28
C PHE D 40 11.75 -0.30 4.54
C PHE D 40 11.77 -0.31 4.55
N ASP D 41 11.79 -0.42 3.21
CA ASP D 41 12.82 0.21 2.39
C ASP D 41 12.42 1.61 1.93
N GLY D 42 11.24 2.10 2.32
CA GLY D 42 10.80 3.41 1.89
C GLY D 42 10.09 3.43 0.56
N GLU D 43 9.78 2.31 0.00
CA GLU D 43 9.16 2.29 -1.31
C GLU D 43 7.64 2.36 -1.17
N PRO D 44 6.98 3.18 -1.99
N PRO D 44 6.98 3.20 -1.96
CA PRO D 44 5.51 3.23 -1.94
CA PRO D 44 5.51 3.23 -1.94
C PRO D 44 4.89 1.98 -2.53
C PRO D 44 4.92 1.95 -2.51
N GLN D 45 3.87 1.46 -1.83
CA GLN D 45 3.15 0.26 -2.25
C GLN D 45 1.68 0.63 -2.28
N PRO D 46 1.00 0.49 -3.41
CA PRO D 46 -0.42 0.80 -3.46
C PRO D 46 -1.24 -0.33 -2.84
N TYR D 47 -2.27 0.07 -2.11
CA TYR D 47 -3.22 -0.82 -1.48
C TYR D 47 -4.59 -0.67 -2.15
N PRO D 48 -5.57 -1.52 -1.80
CA PRO D 48 -6.88 -1.43 -2.45
C PRO D 48 -7.56 -0.09 -2.22
N THR D 49 -8.40 0.30 -3.17
CA THR D 49 -8.96 1.65 -3.17
C THR D 49 -10.30 1.71 -2.44
N LEU D 50 -10.62 2.91 -1.96
CA LEU D 50 -11.82 3.20 -1.18
C LEU D 50 -12.71 4.17 -1.94
N PRO D 51 -13.94 3.80 -2.28
CA PRO D 51 -14.85 4.74 -2.93
C PRO D 51 -15.17 5.90 -2.02
N PRO D 52 -15.61 7.03 -2.57
CA PRO D 52 -15.99 8.16 -1.71
C PRO D 52 -17.12 7.75 -0.78
N GLY D 53 -17.10 8.33 0.43
CA GLY D 53 -18.18 8.10 1.36
C GLY D 53 -18.14 6.77 2.08
N THR D 54 -17.02 6.05 2.00
CA THR D 54 -16.92 4.73 2.61
C THR D 54 -15.73 4.67 3.57
N GLY D 55 -15.74 3.65 4.40
CA GLY D 55 -14.68 3.45 5.37
C GLY D 55 -14.52 1.97 5.64
N ARG D 56 -13.31 1.58 6.02
CA ARG D 56 -12.98 0.17 6.22
C ARG D 56 -12.11 0.00 7.43
N ARG D 57 -12.42 -1.00 8.25
CA ARG D 57 -11.52 -1.43 9.31
C ARG D 57 -10.40 -2.27 8.68
N ILE D 58 -9.14 -1.95 9.01
CA ILE D 58 -7.99 -2.64 8.43
C ILE D 58 -6.91 -2.85 9.48
N HIS D 59 -6.06 -3.84 9.20
N HIS D 59 -6.08 -3.86 9.23
CA HIS D 59 -5.00 -4.28 10.08
CA HIS D 59 -5.00 -4.24 10.12
C HIS D 59 -3.66 -3.71 9.60
C HIS D 59 -3.68 -3.69 9.61
N SER D 60 -3.01 -2.87 10.43
CA SER D 60 -1.67 -2.38 10.13
C SER D 60 -0.81 -2.56 11.37
N TYR D 61 0.24 -1.74 11.53
CA TYR D 61 1.20 -1.97 12.61
C TYR D 61 1.69 -0.64 13.16
N ARG D 62 2.13 -0.65 14.41
CA ARG D 62 2.70 0.55 15.00
C ARG D 62 3.93 1.02 14.22
N GLY D 63 4.01 2.32 14.02
CA GLY D 63 5.13 2.94 13.34
C GLY D 63 5.18 2.74 11.84
N HIS D 64 4.19 2.10 11.24
CA HIS D 64 4.11 2.05 9.79
C HIS D 64 3.69 3.41 9.24
N LEU D 65 3.99 3.64 7.95
CA LEU D 65 3.78 4.93 7.31
C LEU D 65 2.81 4.80 6.15
N TRP D 66 1.82 5.68 6.11
CA TRP D 66 0.78 5.69 5.10
C TRP D 66 0.59 7.09 4.54
N LEU D 67 0.31 7.16 3.24
CA LEU D 67 -0.09 8.35 2.52
C LEU D 67 -1.34 8.02 1.74
N PHE D 68 -2.04 9.04 1.25
CA PHE D 68 -3.31 8.80 0.59
C PHE D 68 -3.43 9.73 -0.61
N ARG D 69 -3.81 9.17 -1.75
CA ARG D 69 -3.87 9.93 -3.00
C ARG D 69 -5.21 9.69 -3.66
N ASP D 70 -5.53 10.52 -4.64
CA ASP D 70 -6.61 10.19 -5.56
C ASP D 70 -6.16 9.02 -6.43
N ALA D 71 -7.01 8.00 -6.54
CA ALA D 71 -6.55 6.77 -7.20
C ALA D 71 -6.42 6.93 -8.70
N GLY D 72 -7.23 7.80 -9.31
CA GLY D 72 -7.20 8.03 -10.73
C GLY D 72 -6.19 9.07 -11.16
N THR D 73 -5.98 10.11 -10.35
CA THR D 73 -5.13 11.23 -10.75
C THR D 73 -3.87 11.37 -9.92
N HIS D 74 -3.79 10.68 -8.80
CA HIS D 74 -2.72 10.76 -7.81
C HIS D 74 -2.60 12.13 -7.16
N ASP D 75 -3.61 12.99 -7.29
CA ASP D 75 -3.68 14.18 -6.45
C ASP D 75 -3.43 13.77 -4.99
N GLY D 76 -2.68 14.59 -4.27
CA GLY D 76 -2.43 14.30 -2.87
C GLY D 76 -3.63 14.62 -1.99
N LEU D 77 -3.81 13.81 -0.95
CA LEU D 77 -4.91 13.99 0.00
C LEU D 77 -4.34 14.09 1.41
N LEU D 78 -5.20 14.47 2.35
CA LEU D 78 -4.81 14.58 3.75
C LEU D 78 -5.38 13.41 4.54
N VAL D 79 -4.71 13.08 5.63
CA VAL D 79 -5.20 12.10 6.59
C VAL D 79 -4.97 12.68 7.97
N ASN D 80 -6.05 12.81 8.75
CA ASN D 80 -6.01 13.48 10.05
C ASN D 80 -5.27 14.82 9.93
N GLN D 81 -5.60 15.54 8.85
CA GLN D 81 -5.17 16.90 8.58
C GLN D 81 -3.69 17.01 8.21
N THR D 82 -3.05 15.91 7.84
CA THR D 82 -1.64 15.95 7.48
C THR D 82 -1.35 14.94 6.39
N GLU D 83 -0.08 14.88 5.96
CA GLU D 83 0.23 14.07 4.79
C GLU D 83 0.43 12.60 5.15
N LEU D 84 1.01 12.33 6.31
CA LEU D 84 1.40 10.98 6.69
C LEU D 84 0.55 10.48 7.85
N PHE D 85 0.15 9.22 7.78
CA PHE D 85 -0.55 8.55 8.87
C PHE D 85 0.33 7.45 9.46
N VAL D 86 0.56 7.49 10.77
CA VAL D 86 1.35 6.48 11.44
C VAL D 86 0.52 5.83 12.55
N PRO D 87 0.11 4.57 12.40
CA PRO D 87 -0.63 3.90 13.48
C PRO D 87 0.19 3.84 14.77
N SER D 88 -0.50 4.02 15.88
CA SER D 88 0.07 3.86 17.20
C SER D 88 -0.59 2.65 17.86
N LEU D 89 -0.30 2.45 19.14
CA LEU D 89 -0.92 1.36 19.88
C LEU D 89 -2.38 1.69 20.18
N ASN D 90 -3.28 0.74 19.88
CA ASN D 90 -4.66 0.86 20.29
C ASN D 90 -4.77 0.94 21.81
N VAL D 91 -5.70 1.77 22.28
CA VAL D 91 -5.95 1.90 23.72
C VAL D 91 -7.40 1.52 23.99
N ASP D 92 -7.62 0.78 25.08
CA ASP D 92 -8.97 0.44 25.54
C ASP D 92 -9.77 -0.26 24.44
N GLY D 93 -9.10 -0.99 23.57
CA GLY D 93 -9.82 -1.70 22.51
C GLY D 93 -10.51 -0.78 21.51
N GLN D 94 -9.92 0.38 21.23
CA GLN D 94 -10.49 1.34 20.29
C GLN D 94 -9.66 1.41 19.02
N PRO D 95 -10.29 1.29 17.85
CA PRO D 95 -9.53 1.44 16.60
C PRO D 95 -9.05 2.89 16.44
N ILE D 96 -8.03 3.06 15.63
CA ILE D 96 -7.49 4.37 15.31
C ILE D 96 -8.12 4.84 14.02
N PHE D 97 -8.71 6.03 14.03
CA PHE D 97 -9.33 6.55 12.83
C PHE D 97 -8.29 7.27 12.00
N ALA D 98 -8.28 7.00 10.70
CA ALA D 98 -7.48 7.72 9.72
C ALA D 98 -8.48 8.44 8.83
N ASN D 99 -8.75 9.71 9.14
CA ASN D 99 -9.77 10.47 8.44
C ASN D 99 -9.17 11.10 7.20
N ILE D 100 -9.55 10.58 6.03
CA ILE D 100 -8.96 11.01 4.77
C ILE D 100 -9.85 12.08 4.15
N THR D 101 -9.27 13.23 3.84
CA THR D 101 -10.05 14.38 3.38
C THR D 101 -9.34 15.06 2.23
N LEU D 102 -10.09 15.88 1.50
CA LEU D 102 -9.48 16.77 0.53
C LEU D 102 -8.67 17.83 1.26
N PRO D 103 -7.47 18.14 0.80
CA PRO D 103 -6.82 19.39 1.22
C PRO D 103 -7.62 20.55 0.67
N VAL D 104 -7.36 21.74 1.20
CA VAL D 104 -7.84 22.93 0.53
C VAL D 104 -6.79 23.26 -0.53
N TYR D 105 -7.01 22.79 -1.75
CA TYR D 105 -6.05 23.04 -2.81
C TYR D 105 -6.00 24.53 -3.09
N THR D 106 -4.84 25.00 -3.54
CA THR D 106 -4.80 26.32 -4.18
C THR D 106 -5.76 26.34 -5.34
N LEU D 107 -6.34 27.51 -5.63
CA LEU D 107 -7.18 27.61 -6.81
C LEU D 107 -6.41 27.19 -8.05
N LYS D 108 -5.14 27.56 -8.14
CA LYS D 108 -4.36 27.20 -9.32
C LYS D 108 -4.26 25.69 -9.45
N GLU D 109 -3.95 24.99 -8.36
CA GLU D 109 -3.83 23.55 -8.48
C GLU D 109 -5.16 22.92 -8.82
N ARG D 110 -6.25 23.40 -8.22
CA ARG D 110 -7.55 22.85 -8.58
C ARG D 110 -7.86 23.06 -10.05
N CYS D 111 -7.52 24.25 -10.58
CA CYS D 111 -7.71 24.49 -12.00
C CYS D 111 -6.87 23.54 -12.85
N LEU D 112 -5.61 23.34 -12.45
CA LEU D 112 -4.78 22.37 -13.17
C LEU D 112 -5.41 20.99 -13.14
N GLN D 113 -5.94 20.57 -11.99
CA GLN D 113 -6.59 19.26 -11.90
C GLN D 113 -7.72 19.17 -12.93
N VAL D 114 -8.57 20.20 -12.99
CA VAL D 114 -9.72 20.13 -13.89
C VAL D 114 -9.26 20.16 -15.35
N VAL D 115 -8.29 21.02 -15.67
CA VAL D 115 -7.83 21.07 -17.05
C VAL D 115 -7.16 19.76 -17.45
N ARG D 116 -6.35 19.17 -16.57
CA ARG D 116 -5.74 17.89 -16.86
C ARG D 116 -6.81 16.83 -17.08
N SER D 117 -7.87 16.86 -16.27
CA SER D 117 -8.95 15.90 -16.45
C SER D 117 -9.66 16.09 -17.78
N LEU D 118 -9.60 17.29 -18.37
CA LEU D 118 -10.29 17.53 -19.62
C LEU D 118 -9.41 17.36 -20.87
N VAL D 119 -8.08 17.42 -20.74
CA VAL D 119 -7.19 17.48 -21.90
C VAL D 119 -6.17 16.35 -21.82
N LYS D 120 -6.01 15.64 -22.95
CA LYS D 120 -4.96 14.65 -23.06
C LYS D 120 -3.59 15.33 -22.96
N PRO D 121 -2.63 14.74 -22.25
CA PRO D 121 -1.32 15.40 -22.09
C PRO D 121 -0.69 15.82 -23.40
N GLU D 122 -0.82 14.98 -24.42
CA GLU D 122 -0.32 15.28 -25.74
C GLU D 122 -0.89 16.57 -26.29
N ASN D 123 -2.07 16.97 -25.81
CA ASN D 123 -2.75 18.16 -26.30
C ASN D 123 -2.52 19.40 -25.45
N TYR D 124 -1.81 19.30 -24.32
CA TYR D 124 -1.69 20.46 -23.43
C TYR D 124 -1.27 21.70 -24.20
N ARG D 125 -0.23 21.56 -25.03
CA ARG D 125 0.37 22.72 -25.67
C ARG D 125 -0.43 23.23 -26.87
N ARG D 126 -1.57 22.60 -27.18
CA ARG D 126 -2.52 23.22 -28.10
C ARG D 126 -3.28 24.37 -27.42
N LEU D 127 -3.39 24.34 -26.10
CA LEU D 127 -4.10 25.40 -25.39
C LEU D 127 -3.39 26.73 -25.61
N ASP D 128 -4.18 27.80 -25.70
CA ASP D 128 -3.62 29.13 -25.95
C ASP D 128 -3.33 29.81 -24.62
N ILE D 129 -2.25 29.34 -23.98
CA ILE D 129 -1.79 29.85 -22.70
C ILE D 129 -0.27 29.93 -22.74
N VAL D 130 0.29 30.61 -21.73
CA VAL D 130 1.74 30.79 -21.67
C VAL D 130 2.44 29.46 -21.36
N ARG D 131 3.74 29.42 -21.69
CA ARG D 131 4.49 28.17 -21.61
C ARG D 131 4.60 27.65 -20.18
N SER D 132 4.67 28.55 -19.20
CA SER D 132 4.81 28.11 -17.82
C SER D 132 3.56 27.38 -17.34
N LEU D 133 2.40 27.70 -17.88
CA LEU D 133 1.20 26.94 -17.57
C LEU D 133 1.22 25.57 -18.26
N TYR D 134 1.81 25.47 -19.45
CA TYR D 134 2.08 24.15 -20.03
C TYR D 134 2.90 23.32 -19.07
N GLU D 135 4.00 23.90 -18.56
CA GLU D 135 4.87 23.14 -17.67
C GLU D 135 4.14 22.77 -16.37
N ASP D 136 3.32 23.69 -15.86
CA ASP D 136 2.52 23.39 -14.68
C ASP D 136 1.57 22.24 -14.93
N LEU D 137 0.88 22.24 -16.07
CA LEU D 137 -0.01 21.15 -16.42
C LEU D 137 0.74 19.84 -16.50
N GLU D 138 1.94 19.88 -17.10
CA GLU D 138 2.73 18.68 -17.32
C GLU D 138 3.36 18.11 -16.04
N ASP D 139 3.41 18.88 -14.96
CA ASP D 139 4.06 18.45 -13.73
C ASP D 139 3.02 17.75 -12.87
N HIS D 140 2.73 16.51 -13.23
CA HIS D 140 1.62 15.78 -12.63
C HIS D 140 1.88 15.49 -11.15
N PRO D 141 0.82 15.35 -10.36
CA PRO D 141 0.96 14.94 -8.95
C PRO D 141 1.75 13.65 -8.82
N ASN D 142 2.52 13.55 -7.74
CA ASN D 142 3.52 12.50 -7.61
C ASN D 142 3.83 12.30 -6.13
N VAL D 143 3.61 11.09 -5.62
N VAL D 143 3.58 11.09 -5.62
CA VAL D 143 3.90 10.81 -4.21
CA VAL D 143 3.92 10.77 -4.23
C VAL D 143 5.38 11.07 -3.89
C VAL D 143 5.36 11.16 -3.92
N GLN D 144 6.26 10.93 -4.89
CA GLN D 144 7.68 11.22 -4.64
C GLN D 144 7.91 12.68 -4.27
N LYS D 145 7.08 13.59 -4.79
CA LYS D 145 7.20 15.00 -4.41
C LYS D 145 6.98 15.18 -2.91
N ASP D 146 5.94 14.52 -2.38
CA ASP D 146 5.66 14.62 -0.95
C ASP D 146 6.73 13.92 -0.13
N LEU D 147 7.23 12.79 -0.61
CA LEU D 147 8.33 12.15 0.11
C LEU D 147 9.52 13.10 0.22
N GLU D 148 9.86 13.76 -0.89
CA GLU D 148 10.99 14.68 -0.89
C GLU D 148 10.75 15.87 0.03
N ARG D 149 9.54 16.43 0.00
CA ARG D 149 9.26 17.59 0.83
C ARG D 149 9.27 17.23 2.32
N LEU D 150 8.55 16.17 2.70
CA LEU D 150 8.52 15.76 4.09
C LEU D 150 9.90 15.33 4.57
N THR D 151 10.76 14.86 3.67
CA THR D 151 12.14 14.60 4.05
C THR D 151 12.87 15.90 4.36
N GLN D 152 12.78 16.87 3.43
CA GLN D 152 13.47 18.14 3.63
C GLN D 152 12.90 18.93 4.81
N GLU D 153 11.73 18.56 5.31
CA GLU D 153 11.19 19.22 6.50
C GLU D 153 11.72 18.59 7.79
N ARG D 154 11.84 17.27 7.84
CA ARG D 154 12.35 16.58 9.04
C ARG D 154 13.80 16.97 9.33
S SCN E . 28.99 -40.14 -7.58
C SCN E . 29.65 -41.06 -6.19
N SCN E . 29.98 -41.65 -5.23
S SCN F . 31.80 -34.59 15.98
C SCN F . 31.74 -33.37 14.68
N SCN F . 31.77 -32.55 13.83
C1 EDO G . 41.60 -29.76 7.00
O1 EDO G . 41.43 -28.86 5.88
C2 EDO G . 40.54 -30.85 7.01
O2 EDO G . 40.70 -31.76 5.91
S SCN H . -8.40 -31.45 11.33
C SCN H . -9.65 -31.32 10.05
N SCN H . -10.39 -31.21 9.14
C1 EDO I . 35.10 -35.03 -7.38
O1 EDO I . 34.44 -36.18 -6.85
C2 EDO I . 35.56 -34.29 -6.16
O2 EDO I . 35.53 -32.89 -6.26
C1 VKA J . -7.03 -2.35 2.72
C2 VKA J . -8.34 -2.56 2.30
C4 VKA J . -8.17 -0.44 1.57
C6 VKA J . -6.07 -3.32 3.41
C7 VKA J . -5.22 -2.89 4.40
C9 VKA J . -5.23 -5.57 3.59
C10 VKA J . -4.36 -3.83 5.00
C11 VKA J . -4.37 -5.15 4.59
C12 VKA J . -3.40 -6.18 5.27
C14 VKA J . -1.28 -4.95 5.68
C16 VKA J . -0.41 -4.06 6.58
C VKA J . -6.06 -4.66 2.99
S3 VKA J . -6.67 -0.75 2.26
N5 VKA J . -8.94 -1.51 1.69
N13 VKA J . -2.57 -5.36 6.12
O15 VKA J . -0.88 -5.30 4.60
N17 VKA J . 1.15 -4.46 6.50
C18 VKA J . 1.87 -3.40 6.23
C19 VKA J . 0.88 -2.23 6.47
C20 VKA J . -0.48 -2.85 6.16
C21 VKA J . 1.62 -5.84 6.72
O22 VKA J . 0.93 -1.87 7.79
O23 VKA J . 0.82 -6.67 6.95
C24 VKA J . 3.12 -6.17 6.63
C25 VKA J . 3.39 -6.86 5.23
N26 VKA J . 3.42 -7.12 7.65
C27 VKA J . 2.71 -8.22 5.18
C28 VKA J . 2.85 -5.97 4.11
C29 VKA J . 4.89 -7.05 5.06
C30 VKA J . 4.18 -6.70 8.87
C31 VKA J . 4.49 -7.76 9.95
C32 VKA J . 4.84 -9.19 9.33
O32 VKA J . 4.54 -5.56 9.01
C33 VKA J . 5.65 -9.07 7.98
C34 VKA J . 6.85 -10.08 7.92
C35 VKA J . 8.21 -9.36 7.76
C36 VKA J . 8.88 -9.64 6.35
C37 VKA J . 10.39 -9.50 6.38
C38 VKA J . 10.95 -8.89 5.08
C39 VKA J . 11.15 -9.95 3.98
C40 VKA J . 10.72 -9.42 2.56
N41 VKA J . 9.95 -10.29 1.65
O42 VKA J . 11.01 -8.34 2.22
C43 VKA J . 9.55 -9.79 0.31
C44 VKA J . 9.46 -10.96 -0.71
N45 VKA J . 8.71 -11.91 -0.26
C47 VKA J . 8.64 -12.92 -1.18
C48 VKA J . 7.60 -13.98 -0.85
N49 VKA J . 6.39 -13.41 -0.60
C50 VKA J . 6.46 -12.51 0.41
C51 VKA J . 7.48 -11.42 0.11
C52 VKA J . 5.44 -14.26 -0.48
C53 VKA J . 5.66 -15.28 0.72
C54 VKA J . 6.27 -16.52 0.51
C55 VKA J . 6.46 -17.42 1.59
C56 VKA J . 6.02 -17.07 2.89
C57 VKA J . 5.41 -15.82 3.11
C58 VKA J . 5.22 -14.93 2.05
C59 VKA J . 7.14 -18.77 1.29
C60 VKA J . 7.04 -19.24 0.00
C61 VKA J . 7.65 -20.43 -0.34
C62 VKA J . 8.33 -21.18 0.65
C63 VKA J . 8.47 -20.69 1.94
C64 VKA J . 7.85 -19.47 2.27
N65 VKA J . 8.99 -22.43 0.22
C66 VKA J . 9.46 -23.34 1.27
C67 VKA J . 10.03 -24.63 0.73
N68 VKA J . 11.04 -24.40 -0.20
C69 VKA J . 10.61 -23.64 -1.24
C70 VKA J . 10.06 -22.29 -0.75
C71 VKA J . 11.44 -25.54 -0.68
N72 VKA J . 7.46 -20.84 -1.72
C73 VKA J . 8.03 -20.13 -2.84
C74 VKA J . 7.58 -20.73 -4.22
C75 VKA J . 6.20 -21.04 -4.30
N76 VKA J . 5.67 -21.53 -5.42
C77 VKA J . 6.42 -21.75 -6.50
C78 VKA J . 7.79 -21.47 -6.49
C79 VKA J . 8.41 -20.93 -5.31
C80 VKA J . 9.91 -20.60 -5.26
O85 VKA J . 8.68 -19.15 -2.74
O86 VKA J . 5.80 -22.27 -7.63
C87 VKA J . -9.08 -3.88 2.53
F82 VKA J . 10.52 -21.06 -6.39
F83 VKA J . 10.07 -19.24 -5.17
F84 VKA J . 10.46 -21.20 -4.17
S SCN K . -24.59 48.95 -4.86
C SCN K . -24.10 50.60 -4.29
N SCN K . -23.87 51.68 -3.85
C1 GOL L . 0.24 48.92 -7.28
O1 GOL L . -1.11 49.27 -7.47
C2 GOL L . 0.62 48.03 -8.49
O2 GOL L . -0.48 47.81 -9.30
C3 GOL L . 1.75 48.83 -9.25
O3 GOL L . 2.92 48.79 -8.47
C1 EDO M . -4.10 52.10 -3.27
O1 EDO M . -4.25 52.75 -2.00
C2 EDO M . -5.47 51.79 -3.85
O2 EDO M . -5.44 50.54 -4.53
C1 EDO N . -2.19 32.49 -19.02
O1 EDO N . -2.10 32.56 -20.46
C2 EDO N . -1.65 33.71 -18.27
O2 EDO N . -1.78 33.53 -16.84
C1 EDO O . -7.41 -5.25 6.30
O1 EDO O . -6.56 -5.81 7.27
C2 EDO O . -8.05 -6.38 5.54
O2 EDO O . -9.41 -6.05 5.22
NA NA P . -8.29 15.71 -10.24
#